data_9RUB
#
_entry.id   9RUB
#
_cell.length_a   65.500
_cell.length_b   70.600
_cell.length_c   104.100
_cell.angle_alpha   90.00
_cell.angle_beta   92.10
_cell.angle_gamma   90.00
#
_symmetry.space_group_name_H-M   'P 1 21 1'
#
loop_
_entity.id
_entity.type
_entity.pdbx_description
1 polymer 'RIBULOSE-1,5-BISPHOSPHATE CARBOXYLASE'
2 non-polymer RIBULOSE-1,5-DIPHOSPHATE
3 non-polymer 'MAGNESIUM ION'
4 non-polymer 'FORMIC ACID'
#
_entity_poly.entity_id   1
_entity_poly.type   'polypeptide(L)'
_entity_poly.pdbx_seq_one_letter_code
;MDQSSRYVNLALKEEDLIAGGEHVLCAYIMKPKAGYGYVATAAHFAAESSTGTNVEVCTTDDFTRGVDALVYEVDEAREL
TKIAYPVALFDRNITDGKAMIASFLTLTMGNNQGMGDVEYAKMHDFYVPEAYRALFDGPSVNISALWKVLGRPEVDGGLV
VGTIIKPKLGLRPKPFAEACHAFWLGGDFIKNDEPQGNQPFAPLRDTIALVADAMRRAQDETGEAKLFSANITADDPFEI
IARGEYVLETFGENASHVALLVDGYVAGAAAITTARRRFPDNFLHYHRAGHGAVTSPQSKRGYTAFVHCKMARLQGASGI
HTGTMGFGKMEGESSDRAIAYMLTQDEAQGPFYRQSWGGMKACTPIISGGMNALRMPGFFENLGNANVILTAGGGAFGHI
DGPVAGARSLRQAWQAWRDGVPVLDYAREHKELARAFESFPGDADQIYPGWRKALGVEDTRSALPA
;
_entity_poly.pdbx_strand_id   A,B
#
loop_
_chem_comp.id
_chem_comp.type
_chem_comp.name
_chem_comp.formula
FMT non-polymer 'FORMIC ACID' 'C H2 O2'
MG non-polymer 'MAGNESIUM ION' 'Mg 2'
RUB saccharide RIBULOSE-1,5-DIPHOSPHATE 'C5 H12 O11 P2'
#
# COMPACT_ATOMS: atom_id res chain seq x y z
N ASP A 2 3.28 26.27 -6.57
CA ASP A 2 1.95 26.55 -7.19
C ASP A 2 2.24 27.01 -8.62
N GLN A 3 1.83 28.21 -8.94
CA GLN A 3 2.07 28.82 -10.26
C GLN A 3 1.34 28.09 -11.39
N SER A 4 1.90 28.26 -12.56
CA SER A 4 1.80 27.88 -13.95
C SER A 4 3.30 27.91 -14.32
N SER A 5 3.73 29.06 -14.79
CA SER A 5 5.06 29.48 -15.22
C SER A 5 6.17 28.75 -14.47
N ARG A 6 7.29 28.48 -15.13
CA ARG A 6 8.42 27.76 -14.51
C ARG A 6 8.30 26.25 -14.41
N TYR A 7 7.07 25.82 -14.18
CA TYR A 7 6.59 24.45 -14.01
C TYR A 7 5.82 23.95 -15.23
N VAL A 8 5.94 24.67 -16.32
CA VAL A 8 5.36 24.48 -17.64
C VAL A 8 6.48 24.88 -18.62
N ASN A 9 6.51 24.17 -19.71
CA ASN A 9 7.44 24.27 -20.83
C ASN A 9 6.82 23.33 -21.89
N LEU A 10 5.62 23.82 -22.19
CA LEU A 10 4.81 23.22 -23.25
C LEU A 10 5.66 23.87 -24.36
N ALA A 11 6.43 23.00 -24.94
CA ALA A 11 7.38 23.23 -26.02
C ALA A 11 8.58 22.28 -25.84
N LEU A 12 8.61 21.59 -24.72
CA LEU A 12 9.71 20.62 -24.50
C LEU A 12 9.27 19.36 -25.26
N LYS A 13 9.90 18.99 -26.36
CA LYS A 13 9.49 17.82 -27.13
C LYS A 13 9.80 16.54 -26.34
N GLU A 14 8.87 15.62 -26.38
CA GLU A 14 8.99 14.37 -25.66
C GLU A 14 10.24 13.54 -25.91
N GLU A 15 10.61 13.41 -27.17
CA GLU A 15 11.78 12.56 -27.50
C GLU A 15 13.16 13.04 -27.14
N ASP A 16 13.24 14.33 -26.92
CA ASP A 16 14.40 15.17 -26.51
C ASP A 16 14.57 14.91 -25.00
N LEU A 17 13.38 14.86 -24.41
CA LEU A 17 13.21 14.52 -23.00
C LEU A 17 13.63 13.05 -22.92
N ILE A 18 13.18 12.14 -23.77
CA ILE A 18 13.58 10.72 -23.73
C ILE A 18 15.02 10.41 -24.13
N ALA A 19 15.55 11.00 -25.18
CA ALA A 19 16.92 10.80 -25.66
C ALA A 19 18.08 11.02 -24.71
N GLY A 20 18.07 12.05 -23.87
CA GLY A 20 19.07 12.50 -22.93
C GLY A 20 19.28 11.75 -21.63
N GLY A 21 18.15 11.40 -21.05
CA GLY A 21 17.90 10.65 -19.85
C GLY A 21 18.08 11.17 -18.44
N GLU A 22 17.73 12.43 -18.20
CA GLU A 22 17.90 12.99 -16.84
C GLU A 22 16.50 13.05 -16.25
N HIS A 23 15.42 12.80 -16.96
CA HIS A 23 14.03 12.87 -16.49
C HIS A 23 13.18 11.62 -16.55
N VAL A 24 12.40 11.25 -15.57
CA VAL A 24 11.46 10.13 -15.41
C VAL A 24 10.18 10.71 -16.00
N LEU A 25 9.53 10.00 -16.94
CA LEU A 25 8.32 10.63 -17.52
C LEU A 25 7.12 9.87 -16.98
N CYS A 26 6.09 10.61 -16.62
CA CYS A 26 4.86 10.04 -16.09
C CYS A 26 3.63 10.58 -16.80
N ALA A 27 2.66 9.73 -17.02
CA ALA A 27 1.41 10.01 -17.72
C ALA A 27 0.21 9.76 -16.83
N TYR A 28 -0.66 10.76 -16.73
CA TYR A 28 -1.84 10.69 -15.87
C TYR A 28 -3.14 11.16 -16.51
N ILE A 29 -4.21 10.63 -15.90
CA ILE A 29 -5.55 11.00 -16.38
C ILE A 29 -6.10 11.78 -15.19
N MET A 30 -5.88 13.07 -15.26
CA MET A 30 -6.22 14.12 -14.31
C MET A 30 -7.14 15.23 -14.81
N LYS A 31 -8.26 15.30 -14.11
CA LYS A 31 -9.36 16.23 -14.26
C LYS A 31 -9.49 17.19 -13.07
N PRO A 32 -9.46 18.49 -13.34
CA PRO A 32 -9.62 19.52 -12.33
C PRO A 32 -11.07 19.62 -11.86
N LYS A 33 -11.12 20.06 -10.59
CA LYS A 33 -12.43 20.28 -9.92
C LYS A 33 -12.97 21.49 -10.63
N ALA A 34 -14.27 21.75 -10.71
CA ALA A 34 -14.85 22.91 -11.43
C ALA A 34 -14.71 24.31 -10.83
N GLY A 35 -14.23 25.12 -11.77
CA GLY A 35 -13.87 26.52 -11.72
C GLY A 35 -12.36 26.61 -12.09
N TYR A 36 -11.64 25.54 -11.71
CA TYR A 36 -10.20 25.36 -11.90
C TYR A 36 -9.86 25.35 -13.37
N GLY A 37 -8.75 25.91 -13.72
CA GLY A 37 -8.27 26.04 -15.08
C GLY A 37 -7.08 25.36 -15.69
N TYR A 38 -7.18 24.10 -16.00
CA TYR A 38 -6.36 23.06 -16.55
C TYR A 38 -4.85 23.23 -16.50
N VAL A 39 -4.20 23.99 -17.38
CA VAL A 39 -2.73 24.10 -17.31
C VAL A 39 -2.29 24.60 -15.93
N ALA A 40 -2.87 25.63 -15.40
CA ALA A 40 -2.55 26.15 -14.05
C ALA A 40 -2.50 25.05 -12.97
N THR A 41 -3.55 24.21 -12.95
CA THR A 41 -3.80 23.09 -12.09
C THR A 41 -2.77 21.97 -12.20
N ALA A 42 -2.25 21.80 -13.40
CA ALA A 42 -1.26 20.77 -13.73
C ALA A 42 0.08 21.24 -13.22
N ALA A 43 0.22 22.56 -13.28
CA ALA A 43 1.47 23.19 -12.77
C ALA A 43 1.40 23.01 -11.25
N HIS A 44 0.20 23.35 -10.77
CA HIS A 44 0.03 23.18 -9.31
C HIS A 44 0.13 21.72 -8.93
N PHE A 45 0.15 20.70 -9.76
CA PHE A 45 0.28 19.24 -9.52
C PHE A 45 1.76 18.89 -9.62
N ALA A 46 2.33 19.65 -10.55
CA ALA A 46 3.76 19.49 -10.85
C ALA A 46 4.51 19.98 -9.61
N ALA A 47 3.97 21.02 -8.92
CA ALA A 47 4.63 21.55 -7.73
C ALA A 47 4.31 20.71 -6.51
N GLU A 48 3.16 20.07 -6.42
CA GLU A 48 2.91 19.26 -5.20
C GLU A 48 3.52 17.86 -5.27
N SER A 49 4.27 17.58 -6.32
CA SER A 49 4.95 16.31 -6.54
C SER A 49 6.44 16.54 -6.74
N SER A 50 6.87 17.80 -6.57
CA SER A 50 8.32 18.06 -6.72
C SER A 50 8.99 19.02 -5.75
N THR A 51 9.17 20.26 -6.12
CA THR A 51 9.88 21.34 -5.44
C THR A 51 9.06 22.17 -4.47
N GLY A 52 7.77 22.21 -4.54
CA GLY A 52 6.91 22.91 -3.57
C GLY A 52 6.66 24.38 -3.83
N THR A 53 7.71 25.14 -3.58
CA THR A 53 7.85 26.58 -3.76
C THR A 53 6.59 27.38 -3.59
N ASN A 54 6.08 27.43 -2.37
CA ASN A 54 4.88 28.20 -2.04
C ASN A 54 5.34 29.68 -1.79
N VAL A 55 5.66 30.40 -2.83
CA VAL A 55 6.11 31.77 -2.91
C VAL A 55 7.41 32.17 -2.20
N GLU A 56 7.30 33.13 -1.24
CA GLU A 56 8.48 33.68 -0.53
C GLU A 56 9.07 33.03 0.72
N VAL A 57 9.62 31.88 0.45
CA VAL A 57 10.33 30.68 0.70
C VAL A 57 11.49 30.70 -0.32
N CYS A 58 12.67 30.21 0.06
CA CYS A 58 13.73 30.29 -0.95
C CYS A 58 14.95 29.44 -0.57
N THR A 59 15.67 29.42 -1.65
CA THR A 59 16.93 28.92 -2.16
C THR A 59 17.40 30.30 -2.67
N THR A 60 17.76 31.02 -1.62
CA THR A 60 18.24 32.35 -1.30
C THR A 60 19.11 32.98 -2.36
N ASP A 61 20.13 32.35 -2.90
CA ASP A 61 21.09 32.75 -3.94
C ASP A 61 20.36 33.25 -5.18
N ASP A 62 19.18 32.72 -5.26
CA ASP A 62 18.02 32.74 -6.11
C ASP A 62 18.20 31.80 -7.34
N PHE A 63 17.13 31.03 -7.50
CA PHE A 63 16.93 30.06 -8.54
C PHE A 63 17.60 28.69 -8.44
N THR A 64 16.94 27.71 -7.86
CA THR A 64 17.37 26.30 -7.76
C THR A 64 16.02 25.53 -7.69
N ARG A 65 15.60 25.53 -8.95
CA ARG A 65 14.53 25.13 -9.81
C ARG A 65 14.99 24.37 -11.04
N GLY A 66 16.15 23.75 -10.99
CA GLY A 66 16.71 22.99 -12.14
C GLY A 66 16.78 21.52 -11.71
N VAL A 67 15.84 21.14 -10.89
CA VAL A 67 15.35 20.02 -10.13
C VAL A 67 13.80 20.14 -9.96
N ASP A 68 13.22 20.94 -10.83
CA ASP A 68 11.85 21.32 -11.04
C ASP A 68 11.16 20.38 -12.04
N ALA A 69 10.05 19.78 -11.65
CA ALA A 69 9.30 18.86 -12.54
C ALA A 69 8.39 19.61 -13.52
N LEU A 70 8.59 19.41 -14.83
CA LEU A 70 7.84 20.09 -15.90
C LEU A 70 6.54 19.52 -16.43
N VAL A 71 5.74 20.33 -17.06
CA VAL A 71 4.51 19.85 -17.69
C VAL A 71 5.02 20.06 -19.16
N TYR A 72 5.05 18.94 -19.86
CA TYR A 72 5.52 18.99 -21.25
C TYR A 72 4.43 18.73 -22.30
N GLU A 73 3.26 18.31 -21.82
CA GLU A 73 2.09 18.01 -22.65
C GLU A 73 0.78 17.89 -21.86
N VAL A 74 -0.25 18.41 -22.47
CA VAL A 74 -1.65 18.37 -22.03
C VAL A 74 -2.48 18.22 -23.33
N ASP A 75 -3.72 17.87 -23.19
CA ASP A 75 -4.78 17.70 -24.18
C ASP A 75 -5.93 17.86 -23.15
N GLU A 76 -6.45 19.06 -23.20
CA GLU A 76 -7.52 19.41 -22.25
C GLU A 76 -8.68 18.44 -22.43
N ALA A 77 -9.19 18.18 -23.62
CA ALA A 77 -10.31 17.25 -23.81
C ALA A 77 -10.07 15.83 -23.30
N ARG A 78 -8.98 15.22 -23.65
CA ARG A 78 -8.66 13.86 -23.25
C ARG A 78 -8.07 13.71 -21.86
N GLU A 79 -7.84 14.84 -21.19
CA GLU A 79 -7.34 14.97 -19.82
C GLU A 79 -5.94 14.42 -19.61
N LEU A 80 -5.12 14.69 -20.63
CA LEU A 80 -3.79 14.13 -20.50
C LEU A 80 -2.69 15.08 -20.09
N THR A 81 -2.34 14.86 -18.82
CA THR A 81 -1.27 15.64 -18.14
C THR A 81 -0.07 14.70 -18.17
N LYS A 82 0.98 15.15 -18.79
CA LYS A 82 2.22 14.35 -18.87
C LYS A 82 3.21 15.27 -18.20
N ILE A 83 3.99 14.71 -17.31
CA ILE A 83 5.00 15.38 -16.48
C ILE A 83 6.42 14.81 -16.49
N ALA A 84 7.39 15.74 -16.47
CA ALA A 84 8.83 15.43 -16.41
C ALA A 84 9.51 15.60 -15.05
N TYR A 85 9.95 14.59 -14.36
CA TYR A 85 10.63 14.59 -13.08
C TYR A 85 12.12 14.49 -13.16
N PRO A 86 12.90 15.51 -12.95
CA PRO A 86 14.37 15.37 -13.02
C PRO A 86 14.75 14.20 -12.17
N VAL A 87 15.88 13.59 -12.36
CA VAL A 87 16.37 12.43 -11.65
C VAL A 87 17.06 12.67 -10.33
N ALA A 88 17.68 13.85 -10.20
CA ALA A 88 18.37 14.19 -8.90
C ALA A 88 17.37 14.09 -7.73
N LEU A 89 16.12 14.47 -7.89
CA LEU A 89 15.10 14.34 -6.92
C LEU A 89 14.91 12.93 -6.34
N PHE A 90 15.11 11.83 -7.06
CA PHE A 90 14.77 10.49 -6.58
C PHE A 90 15.70 10.04 -5.51
N ASP A 91 15.14 9.57 -4.41
CA ASP A 91 15.97 9.13 -3.23
C ASP A 91 16.81 7.90 -3.54
N ARG A 92 18.09 7.87 -3.37
CA ARG A 92 18.98 6.73 -3.57
C ARG A 92 19.13 6.17 -2.16
N ASN A 93 20.04 5.36 -1.76
CA ASN A 93 20.30 4.73 -0.49
C ASN A 93 21.68 5.04 0.08
N ILE A 94 21.73 5.40 1.36
CA ILE A 94 23.02 5.70 2.02
C ILE A 94 24.01 4.55 2.15
N THR A 95 23.65 3.29 2.06
CA THR A 95 24.35 2.03 2.09
C THR A 95 24.66 1.34 0.75
N ASP A 96 23.95 1.48 -0.36
CA ASP A 96 24.42 0.65 -1.53
C ASP A 96 24.37 1.33 -2.90
N GLY A 97 23.64 2.40 -2.94
CA GLY A 97 23.45 3.35 -3.99
C GLY A 97 22.18 3.39 -4.80
N LYS A 98 21.43 2.34 -4.50
CA LYS A 98 20.23 2.00 -5.26
C LYS A 98 19.11 2.94 -5.03
N ALA A 99 18.29 2.98 -6.04
CA ALA A 99 17.12 3.85 -5.98
C ALA A 99 16.13 3.03 -5.17
N MET A 100 14.92 3.56 -5.09
CA MET A 100 13.88 2.88 -4.29
C MET A 100 12.52 3.10 -4.95
N ILE A 101 11.69 2.08 -4.88
CA ILE A 101 10.34 2.28 -5.45
C ILE A 101 9.58 3.24 -4.54
N ALA A 102 9.78 3.27 -3.19
CA ALA A 102 9.12 4.20 -2.23
C ALA A 102 9.22 5.70 -2.53
N SER A 103 10.39 6.14 -2.96
CA SER A 103 10.77 7.47 -3.41
C SER A 103 9.96 7.73 -4.69
N PHE A 104 10.24 6.91 -5.70
CA PHE A 104 9.58 6.89 -7.01
C PHE A 104 8.10 7.21 -6.72
N LEU A 105 7.60 6.26 -5.93
CA LEU A 105 6.22 6.30 -5.41
C LEU A 105 6.02 7.57 -4.58
N THR A 106 6.79 8.28 -3.72
CA THR A 106 6.29 9.50 -3.08
C THR A 106 6.28 10.68 -4.07
N LEU A 107 7.24 10.76 -4.96
CA LEU A 107 7.27 11.87 -5.95
C LEU A 107 6.16 11.90 -6.96
N THR A 108 5.48 10.82 -7.26
CA THR A 108 4.40 10.74 -8.28
C THR A 108 3.06 10.38 -7.74
N MET A 109 3.05 9.31 -6.98
CA MET A 109 1.89 8.67 -6.35
C MET A 109 1.51 9.14 -4.94
N GLY A 110 2.00 10.33 -4.66
CA GLY A 110 1.91 11.02 -3.42
C GLY A 110 0.70 11.74 -2.94
N ASN A 111 1.05 12.97 -2.54
CA ASN A 111 0.09 13.94 -1.99
C ASN A 111 -0.77 14.64 -3.04
N ASN A 112 -0.76 14.15 -4.26
CA ASN A 112 -1.53 14.55 -5.42
C ASN A 112 -2.85 13.72 -5.27
N GLN A 113 -2.79 12.73 -4.44
CA GLN A 113 -3.80 11.77 -4.05
C GLN A 113 -4.37 12.26 -2.72
N GLY A 114 -5.13 13.32 -2.90
CA GLY A 114 -5.83 14.09 -1.87
C GLY A 114 -5.91 15.60 -2.15
N MET A 115 -4.94 16.13 -2.88
CA MET A 115 -4.90 17.59 -3.23
C MET A 115 -6.32 18.05 -3.50
N GLY A 116 -6.69 19.20 -2.97
CA GLY A 116 -8.00 19.81 -3.05
C GLY A 116 -8.54 20.47 -4.28
N ASP A 117 -7.72 20.72 -5.27
CA ASP A 117 -8.05 21.35 -6.56
C ASP A 117 -7.77 20.39 -7.72
N VAL A 118 -8.04 19.10 -7.57
CA VAL A 118 -7.85 18.01 -8.53
C VAL A 118 -8.92 16.96 -8.14
N GLU A 119 -9.79 16.60 -9.07
CA GLU A 119 -10.83 15.60 -8.67
C GLU A 119 -10.29 14.20 -8.78
N TYR A 120 -9.29 13.90 -9.60
CA TYR A 120 -8.68 12.60 -9.74
C TYR A 120 -7.52 12.72 -10.73
N ALA A 121 -6.62 11.79 -10.53
CA ALA A 121 -5.43 11.69 -11.38
C ALA A 121 -4.98 10.23 -11.29
N LYS A 122 -4.88 9.54 -12.44
CA LYS A 122 -4.45 8.13 -12.40
C LYS A 122 -3.24 7.98 -13.32
N MET A 123 -2.26 7.29 -12.77
CA MET A 123 -1.05 7.10 -13.60
C MET A 123 -1.36 5.90 -14.50
N HIS A 124 -1.01 6.18 -15.73
CA HIS A 124 -1.14 5.26 -16.90
C HIS A 124 0.26 4.79 -17.24
N ASP A 125 1.31 5.56 -17.34
CA ASP A 125 2.61 4.87 -17.66
C ASP A 125 3.75 5.67 -17.09
N PHE A 126 4.96 5.18 -17.09
CA PHE A 126 6.16 5.85 -16.62
C PHE A 126 7.34 5.38 -17.52
N TYR A 127 8.20 6.36 -17.77
CA TYR A 127 9.38 5.98 -18.57
C TYR A 127 10.49 5.84 -17.55
N VAL A 128 11.36 4.93 -17.20
CA VAL A 128 12.37 5.13 -16.17
C VAL A 128 13.79 4.83 -16.61
N PRO A 129 14.41 5.81 -17.23
CA PRO A 129 15.73 5.89 -17.81
C PRO A 129 16.80 5.00 -17.24
N GLU A 130 17.87 5.06 -18.04
CA GLU A 130 19.10 4.25 -17.87
C GLU A 130 19.99 4.57 -16.71
N ALA A 131 19.98 5.76 -16.16
CA ALA A 131 20.88 6.03 -15.00
C ALA A 131 20.11 5.69 -13.73
N TYR A 132 18.82 5.96 -13.70
CA TYR A 132 17.88 5.66 -12.59
C TYR A 132 17.56 4.17 -12.68
N ARG A 133 16.96 3.61 -13.74
CA ARG A 133 16.73 2.16 -13.90
C ARG A 133 17.90 1.26 -13.48
N ALA A 134 19.14 1.67 -13.65
CA ALA A 134 20.30 0.89 -13.29
C ALA A 134 20.66 0.75 -11.83
N LEU A 135 19.99 1.54 -11.02
CA LEU A 135 20.10 1.66 -9.52
C LEU A 135 18.77 0.96 -9.26
N PHE A 136 18.63 -0.24 -8.76
CA PHE A 136 17.24 -0.79 -8.69
C PHE A 136 17.56 -2.30 -8.67
N ASP A 137 16.75 -2.87 -7.81
CA ASP A 137 16.99 -4.30 -7.54
C ASP A 137 17.11 -5.21 -8.75
N GLY A 138 16.01 -5.44 -9.43
CA GLY A 138 15.89 -6.33 -10.60
C GLY A 138 15.54 -7.70 -10.02
N PRO A 139 14.88 -8.56 -10.83
CA PRO A 139 14.50 -9.93 -10.35
C PRO A 139 15.84 -10.63 -10.30
N SER A 140 16.08 -11.53 -9.38
CA SER A 140 17.39 -12.19 -9.35
C SER A 140 17.29 -13.64 -9.82
N VAL A 141 16.07 -13.99 -10.23
CA VAL A 141 15.57 -15.28 -10.69
C VAL A 141 14.16 -15.16 -11.26
N ASN A 142 13.65 -16.13 -12.01
CA ASN A 142 12.27 -16.15 -12.56
C ASN A 142 11.81 -17.60 -12.88
N ILE A 143 10.73 -17.65 -13.69
CA ILE A 143 10.20 -18.91 -14.24
C ILE A 143 11.46 -19.73 -14.55
N SER A 144 12.52 -19.47 -15.28
CA SER A 144 13.73 -20.23 -15.46
C SER A 144 14.51 -20.73 -14.27
N ALA A 145 14.09 -20.79 -13.02
CA ALA A 145 14.93 -21.37 -11.93
C ALA A 145 14.17 -22.61 -11.49
N LEU A 146 12.87 -22.59 -11.62
CA LEU A 146 11.62 -23.33 -11.49
C LEU A 146 11.72 -24.36 -12.62
N TRP A 147 11.85 -24.07 -13.92
CA TRP A 147 12.07 -24.78 -15.15
C TRP A 147 13.37 -25.55 -14.96
N LYS A 148 14.43 -24.85 -14.64
CA LYS A 148 15.66 -25.66 -14.41
C LYS A 148 15.45 -26.65 -13.30
N VAL A 149 14.45 -26.81 -12.46
CA VAL A 149 14.39 -27.87 -11.42
C VAL A 149 13.32 -28.86 -11.88
N LEU A 150 12.45 -28.42 -12.76
CA LEU A 150 11.40 -29.28 -13.31
C LEU A 150 12.16 -30.26 -14.23
N GLY A 151 13.24 -29.80 -14.82
CA GLY A 151 14.14 -30.53 -15.75
C GLY A 151 13.76 -30.12 -17.18
N ARG A 152 14.10 -28.91 -17.54
CA ARG A 152 13.72 -28.35 -18.85
C ARG A 152 14.83 -27.40 -19.23
N PRO A 153 14.75 -26.84 -20.43
CA PRO A 153 15.77 -25.90 -20.91
C PRO A 153 15.39 -24.52 -20.36
N GLU A 154 16.41 -23.65 -20.27
CA GLU A 154 16.13 -22.30 -19.74
C GLU A 154 15.46 -21.37 -20.71
N VAL A 155 15.67 -21.56 -22.01
CA VAL A 155 15.06 -20.62 -22.98
C VAL A 155 13.77 -21.19 -23.49
N ASP A 156 12.87 -20.43 -24.06
CA ASP A 156 11.55 -20.76 -24.56
C ASP A 156 10.83 -21.98 -23.98
N GLY A 157 11.13 -22.54 -22.84
CA GLY A 157 10.87 -23.55 -21.90
C GLY A 157 9.52 -23.90 -21.27
N GLY A 158 8.37 -23.31 -21.57
CA GLY A 158 7.07 -23.53 -21.10
C GLY A 158 6.34 -23.54 -19.80
N LEU A 159 5.03 -23.86 -19.84
CA LEU A 159 4.07 -23.92 -18.77
C LEU A 159 4.21 -24.82 -17.53
N VAL A 160 4.12 -24.09 -16.38
CA VAL A 160 4.20 -24.68 -15.00
C VAL A 160 2.73 -24.63 -14.56
N VAL A 161 2.18 -25.77 -14.18
CA VAL A 161 0.74 -25.69 -13.80
C VAL A 161 0.56 -25.97 -12.30
N GLY A 162 -0.36 -25.16 -11.77
CA GLY A 162 -0.63 -25.28 -10.37
C GLY A 162 -2.02 -24.91 -9.94
N THR A 163 -2.16 -25.19 -8.64
CA THR A 163 -3.41 -24.94 -7.93
C THR A 163 -3.16 -24.08 -6.68
N ILE A 164 -4.34 -23.91 -6.07
CA ILE A 164 -4.66 -23.24 -4.82
C ILE A 164 -5.46 -24.28 -4.04
N ILE A 165 -4.91 -24.69 -2.93
CA ILE A 165 -5.54 -25.69 -2.05
C ILE A 165 -6.96 -25.27 -1.72
N LYS A 166 -8.10 -25.93 -1.94
CA LYS A 166 -9.42 -25.34 -1.53
C LYS A 166 -10.13 -26.36 -0.63
N PRO A 167 -10.71 -25.93 0.49
CA PRO A 167 -10.87 -24.56 0.98
C PRO A 167 -9.71 -23.72 1.41
N LYS A 168 -9.88 -22.42 1.20
CA LYS A 168 -8.92 -21.36 1.49
C LYS A 168 -8.41 -21.25 2.92
N LEU A 169 -9.18 -21.84 3.83
CA LEU A 169 -8.86 -21.81 5.27
C LEU A 169 -9.85 -22.81 5.86
N GLY A 170 -9.53 -23.56 6.85
CA GLY A 170 -10.44 -24.54 7.51
C GLY A 170 -9.36 -25.58 7.84
N LEU A 171 -9.48 -26.72 7.28
CA LEU A 171 -8.56 -27.83 7.30
C LEU A 171 -7.37 -27.81 8.20
N ARG A 172 -7.43 -28.46 9.30
CA ARG A 172 -6.31 -28.61 10.27
C ARG A 172 -5.16 -29.14 9.46
N PRO A 173 -3.97 -29.43 9.97
CA PRO A 173 -2.87 -29.91 9.14
C PRO A 173 -2.76 -31.17 8.30
N LYS A 174 -3.19 -32.40 8.52
CA LYS A 174 -3.04 -33.61 7.66
C LYS A 174 -3.87 -33.38 6.39
N PRO A 175 -5.15 -33.05 6.51
CA PRO A 175 -5.98 -32.68 5.39
C PRO A 175 -5.35 -31.73 4.38
N PHE A 176 -4.76 -30.60 4.70
CA PHE A 176 -4.09 -29.63 3.86
C PHE A 176 -2.90 -30.43 3.33
N ALA A 177 -2.12 -31.19 4.05
CA ALA A 177 -0.96 -31.92 3.49
C ALA A 177 -1.43 -32.89 2.42
N GLU A 178 -2.41 -33.66 2.84
CA GLU A 178 -3.13 -34.69 2.12
C GLU A 178 -3.67 -34.07 0.84
N ALA A 179 -4.27 -32.89 0.90
CA ALA A 179 -4.75 -32.21 -0.31
C ALA A 179 -3.62 -31.77 -1.28
N CYS A 180 -2.39 -31.68 -0.80
CA CYS A 180 -1.20 -31.27 -1.56
C CYS A 180 -0.67 -32.43 -2.41
N HIS A 181 -0.37 -33.52 -1.76
CA HIS A 181 0.13 -34.77 -2.27
C HIS A 181 -0.63 -35.25 -3.50
N ALA A 182 -1.93 -35.40 -3.39
CA ALA A 182 -2.96 -35.81 -4.27
C ALA A 182 -3.05 -34.80 -5.40
N PHE A 183 -2.69 -33.57 -5.19
CA PHE A 183 -2.77 -32.64 -6.34
C PHE A 183 -1.36 -32.94 -6.85
N TRP A 184 -0.35 -33.22 -6.08
CA TRP A 184 1.01 -33.47 -6.56
C TRP A 184 1.23 -34.68 -7.45
N LEU A 185 0.20 -35.25 -8.00
CA LEU A 185 0.15 -36.39 -8.90
C LEU A 185 -0.45 -35.96 -10.22
N GLY A 186 -0.19 -34.75 -10.71
CA GLY A 186 -0.82 -34.34 -12.00
C GLY A 186 -0.03 -33.07 -12.36
N GLY A 187 -0.26 -32.20 -11.37
CA GLY A 187 0.28 -30.85 -11.32
C GLY A 187 1.72 -30.81 -10.87
N ASP A 188 2.29 -29.64 -10.99
CA ASP A 188 3.67 -29.25 -10.66
C ASP A 188 3.76 -28.43 -9.33
N PHE A 189 3.01 -27.38 -9.29
CA PHE A 189 2.94 -26.37 -8.28
C PHE A 189 1.81 -25.97 -7.35
N ILE A 190 2.00 -26.11 -6.03
CA ILE A 190 0.94 -25.64 -5.10
C ILE A 190 1.34 -24.36 -4.32
N LYS A 191 0.33 -23.59 -3.97
CA LYS A 191 0.62 -22.38 -3.19
C LYS A 191 -0.41 -22.24 -2.10
N ASN A 192 -0.09 -21.80 -0.89
CA ASN A 192 -1.29 -21.77 0.07
C ASN A 192 -2.14 -20.58 -0.31
N ASP A 193 -3.37 -20.42 0.13
CA ASP A 193 -4.07 -19.14 -0.36
C ASP A 193 -3.43 -17.94 0.36
N GLU A 194 -3.91 -16.70 0.16
CA GLU A 194 -3.32 -15.48 0.78
C GLU A 194 -3.35 -15.34 2.29
N PRO A 195 -4.41 -15.76 2.95
CA PRO A 195 -4.59 -15.76 4.39
C PRO A 195 -3.97 -16.99 5.04
N GLN A 196 -2.80 -17.47 4.68
CA GLN A 196 -2.32 -18.72 5.29
C GLN A 196 -0.92 -18.54 5.78
N GLY A 197 -0.88 -18.99 7.01
CA GLY A 197 0.40 -18.97 7.75
C GLY A 197 0.00 -19.82 8.98
N ASN A 198 0.08 -19.10 10.11
CA ASN A 198 -0.21 -19.75 11.40
C ASN A 198 -1.63 -19.58 11.82
N GLN A 199 -2.73 -20.15 11.34
CA GLN A 199 -4.04 -19.84 11.98
C GLN A 199 -3.90 -20.78 13.17
N PRO A 200 -4.40 -20.61 14.36
CA PRO A 200 -4.20 -21.52 15.47
C PRO A 200 -4.52 -22.99 15.28
N PHE A 201 -5.54 -23.18 14.45
CA PHE A 201 -6.17 -24.43 14.05
C PHE A 201 -5.36 -25.31 13.11
N ALA A 202 -4.47 -24.70 12.38
CA ALA A 202 -3.59 -25.16 11.35
C ALA A 202 -2.30 -24.38 11.22
N PRO A 203 -1.34 -24.58 12.12
CA PRO A 203 -0.08 -23.92 12.20
C PRO A 203 1.20 -24.23 11.47
N LEU A 204 1.68 -23.29 10.70
CA LEU A 204 2.91 -23.14 9.93
C LEU A 204 3.93 -24.17 10.34
N ARG A 205 4.31 -24.12 11.62
CA ARG A 205 5.28 -25.16 11.99
C ARG A 205 4.94 -26.58 11.49
N ASP A 206 3.76 -27.11 11.84
CA ASP A 206 3.45 -28.50 11.44
C ASP A 206 3.00 -28.61 10.00
N THR A 207 2.03 -27.82 9.68
CA THR A 207 1.42 -27.62 8.39
C THR A 207 2.46 -27.51 7.29
N ILE A 208 3.69 -27.11 7.52
CA ILE A 208 4.77 -26.98 6.55
C ILE A 208 5.68 -28.21 6.53
N ALA A 209 5.83 -28.95 7.62
CA ALA A 209 6.64 -30.15 7.78
C ALA A 209 6.03 -31.39 7.07
N LEU A 210 4.72 -31.34 7.20
CA LEU A 210 3.72 -32.21 6.62
C LEU A 210 3.83 -31.81 5.12
N VAL A 211 3.49 -30.60 4.68
CA VAL A 211 3.69 -30.26 3.28
C VAL A 211 5.02 -30.79 2.73
N ALA A 212 6.18 -30.66 3.32
CA ALA A 212 7.48 -31.14 2.90
C ALA A 212 7.67 -32.65 2.88
N ASP A 213 6.87 -33.27 3.72
CA ASP A 213 6.85 -34.74 3.89
C ASP A 213 6.11 -35.28 2.65
N ALA A 214 4.99 -34.63 2.38
CA ALA A 214 4.09 -34.88 1.28
C ALA A 214 4.81 -34.65 -0.04
N MET A 215 5.72 -33.69 -0.01
CA MET A 215 6.46 -33.39 -1.23
C MET A 215 7.21 -34.65 -1.62
N ARG A 216 8.03 -35.22 -0.79
CA ARG A 216 8.79 -36.43 -1.12
C ARG A 216 7.96 -37.67 -1.38
N ARG A 217 6.71 -37.73 -1.02
CA ARG A 217 5.88 -38.92 -1.26
C ARG A 217 5.59 -38.90 -2.77
N ALA A 218 5.09 -37.78 -3.24
CA ALA A 218 4.75 -37.46 -4.60
C ALA A 218 5.93 -37.52 -5.54
N GLN A 219 7.15 -37.24 -5.11
CA GLN A 219 8.34 -37.27 -6.00
C GLN A 219 9.07 -38.62 -5.91
N ASP A 220 8.35 -39.59 -5.42
CA ASP A 220 8.85 -40.99 -5.30
C ASP A 220 7.99 -41.51 -6.46
N GLU A 221 6.74 -41.71 -6.17
CA GLU A 221 5.63 -42.19 -6.94
C GLU A 221 5.35 -41.56 -8.28
N THR A 222 6.09 -40.54 -8.67
CA THR A 222 5.90 -39.88 -9.95
C THR A 222 7.24 -39.77 -10.67
N GLY A 223 8.37 -39.89 -10.02
CA GLY A 223 9.70 -39.82 -10.62
C GLY A 223 10.23 -38.43 -10.94
N GLU A 224 9.36 -37.46 -11.10
CA GLU A 224 9.36 -36.06 -11.37
C GLU A 224 9.02 -35.10 -10.18
N ALA A 225 9.47 -33.88 -10.37
CA ALA A 225 9.42 -32.75 -9.48
C ALA A 225 8.28 -31.76 -9.45
N LYS A 226 8.00 -31.58 -8.19
CA LYS A 226 6.97 -30.77 -7.51
C LYS A 226 7.54 -29.55 -6.81
N LEU A 227 6.89 -28.43 -6.96
CA LEU A 227 7.02 -27.08 -6.51
C LEU A 227 5.89 -26.63 -5.57
N PHE A 228 6.34 -25.89 -4.59
CA PHE A 228 5.57 -25.29 -3.50
C PHE A 228 5.91 -23.80 -3.37
N SER A 229 4.88 -23.00 -3.36
CA SER A 229 4.87 -21.58 -3.18
C SER A 229 4.24 -21.25 -1.80
N ALA A 230 5.06 -21.16 -0.77
CA ALA A 230 4.71 -20.89 0.62
C ALA A 230 4.66 -19.42 1.05
N ASN A 231 3.58 -18.93 1.52
CA ASN A 231 3.15 -17.65 2.04
C ASN A 231 3.90 -17.32 3.36
N ILE A 232 4.90 -16.43 3.20
CA ILE A 232 5.74 -16.02 4.34
C ILE A 232 5.71 -14.50 4.61
N THR A 233 4.52 -13.99 4.57
CA THR A 233 4.00 -12.67 4.73
C THR A 233 3.66 -12.37 6.19
N ALA A 234 4.41 -11.37 6.67
CA ALA A 234 4.30 -10.86 8.03
C ALA A 234 4.63 -9.39 7.97
N ASP A 235 4.11 -8.57 8.85
CA ASP A 235 4.29 -7.13 9.08
C ASP A 235 5.79 -6.79 9.36
N ASP A 236 6.43 -7.56 10.22
CA ASP A 236 7.83 -7.53 10.66
C ASP A 236 8.80 -8.35 9.78
N PRO A 237 9.74 -7.63 9.14
CA PRO A 237 10.78 -8.20 8.32
C PRO A 237 11.42 -9.37 9.00
N PHE A 238 11.69 -9.31 10.28
CA PHE A 238 12.36 -10.41 10.98
C PHE A 238 11.42 -11.60 11.04
N GLU A 239 10.12 -11.35 10.99
CA GLU A 239 9.20 -12.44 10.97
C GLU A 239 9.19 -13.01 9.51
N ILE A 240 9.03 -12.07 8.57
CA ILE A 240 9.14 -12.43 7.16
C ILE A 240 10.35 -13.35 7.08
N ILE A 241 11.57 -12.99 7.40
CA ILE A 241 12.76 -13.81 7.33
C ILE A 241 12.77 -15.11 8.08
N ALA A 242 12.24 -15.17 9.28
CA ALA A 242 12.24 -16.36 10.15
C ALA A 242 11.39 -17.54 9.71
N ARG A 243 10.24 -17.17 9.17
CA ARG A 243 9.18 -18.05 8.60
C ARG A 243 9.92 -18.73 7.42
N GLY A 244 10.34 -17.81 6.57
CA GLY A 244 11.08 -17.96 5.34
C GLY A 244 12.27 -18.86 5.44
N GLU A 245 12.95 -18.90 6.54
CA GLU A 245 14.17 -19.74 6.67
C GLU A 245 13.82 -21.02 7.39
N TYR A 246 12.62 -21.19 7.88
CA TYR A 246 12.08 -22.37 8.58
C TYR A 246 11.70 -23.33 7.41
N VAL A 247 11.00 -22.79 6.41
CA VAL A 247 10.50 -23.41 5.18
C VAL A 247 11.66 -23.98 4.35
N LEU A 248 12.57 -23.14 3.91
CA LEU A 248 13.72 -23.68 3.15
C LEU A 248 14.54 -24.65 3.99
N GLU A 249 14.49 -24.66 5.31
CA GLU A 249 15.30 -25.64 6.06
C GLU A 249 14.47 -26.91 6.25
N THR A 250 13.20 -26.92 6.45
CA THR A 250 12.28 -28.08 6.59
C THR A 250 12.14 -28.87 5.28
N PHE A 251 11.98 -28.21 4.15
CA PHE A 251 11.89 -28.66 2.77
C PHE A 251 13.31 -29.13 2.40
N GLY A 252 14.34 -28.64 3.03
CA GLY A 252 15.73 -28.90 2.92
C GLY A 252 16.45 -29.32 1.68
N GLU A 253 16.38 -30.60 1.35
CA GLU A 253 16.98 -31.28 0.20
C GLU A 253 16.26 -30.87 -1.10
N ASN A 254 15.05 -30.38 -0.98
CA ASN A 254 14.24 -29.91 -2.10
C ASN A 254 13.67 -28.50 -1.74
N ALA A 255 14.60 -27.69 -1.24
CA ALA A 255 14.47 -26.29 -0.86
C ALA A 255 14.50 -25.40 -2.09
N SER A 256 15.06 -25.76 -3.21
CA SER A 256 15.07 -25.03 -4.49
C SER A 256 13.74 -25.09 -5.24
N HIS A 257 12.77 -25.82 -4.72
CA HIS A 257 11.46 -26.05 -5.24
C HIS A 257 10.32 -25.32 -4.53
N VAL A 258 10.78 -24.61 -3.53
CA VAL A 258 9.97 -23.72 -2.68
C VAL A 258 10.04 -22.30 -3.26
N ALA A 259 8.96 -21.81 -3.78
CA ALA A 259 8.84 -20.43 -4.29
C ALA A 259 8.46 -19.77 -2.95
N LEU A 260 8.70 -18.49 -2.82
CA LEU A 260 8.45 -17.62 -1.63
C LEU A 260 7.37 -16.60 -1.94
N LEU A 261 6.29 -16.64 -1.16
CA LEU A 261 5.09 -15.79 -1.40
C LEU A 261 4.97 -14.72 -0.33
N VAL A 262 4.80 -13.54 -0.88
CA VAL A 262 4.71 -12.30 -0.11
C VAL A 262 3.51 -11.60 -0.71
N ASP A 263 2.45 -11.19 -0.02
CA ASP A 263 1.22 -10.53 -0.46
C ASP A 263 1.08 -9.11 -1.03
N GLY A 264 2.19 -8.55 -1.40
CA GLY A 264 2.69 -7.37 -1.97
C GLY A 264 1.99 -6.05 -1.93
N TYR A 265 0.70 -6.04 -1.79
CA TYR A 265 -0.05 -4.77 -1.74
C TYR A 265 -0.25 -4.49 -0.27
N VAL A 266 -0.97 -5.32 0.44
CA VAL A 266 -1.25 -5.30 1.86
C VAL A 266 -0.01 -5.40 2.74
N ALA A 267 1.10 -4.76 2.44
CA ALA A 267 2.27 -4.89 3.31
C ALA A 267 3.49 -4.16 2.77
N GLY A 268 3.28 -3.47 1.69
CA GLY A 268 4.26 -2.73 0.98
C GLY A 268 5.56 -3.41 0.65
N ALA A 269 6.29 -2.48 0.06
CA ALA A 269 7.65 -2.61 -0.44
C ALA A 269 8.73 -3.12 0.46
N ALA A 270 8.61 -2.87 1.76
CA ALA A 270 9.71 -3.36 2.65
C ALA A 270 9.51 -4.84 2.78
N ALA A 271 8.29 -5.37 2.64
CA ALA A 271 7.94 -6.82 2.74
C ALA A 271 8.58 -7.57 1.58
N ILE A 272 8.45 -7.04 0.41
CA ILE A 272 8.98 -7.42 -0.87
C ILE A 272 10.50 -7.30 -0.82
N THR A 273 10.96 -6.12 -0.33
CA THR A 273 12.44 -5.91 -0.31
C THR A 273 13.11 -6.85 0.63
N THR A 274 12.49 -7.35 1.67
CA THR A 274 13.13 -8.33 2.59
C THR A 274 13.55 -9.63 1.92
N ALA A 275 12.57 -10.23 1.22
CA ALA A 275 12.68 -11.54 0.56
C ALA A 275 13.71 -11.42 -0.56
N ARG A 276 13.40 -10.39 -1.36
CA ARG A 276 14.23 -10.09 -2.52
C ARG A 276 15.69 -10.10 -2.19
N ARG A 277 16.10 -9.49 -1.07
CA ARG A 277 17.53 -9.47 -0.71
C ARG A 277 18.00 -10.55 0.23
N ARG A 278 17.16 -11.10 1.06
CA ARG A 278 17.55 -12.14 2.01
C ARG A 278 17.45 -13.52 1.36
N PHE A 279 16.54 -13.67 0.44
CA PHE A 279 16.39 -14.97 -0.29
C PHE A 279 16.52 -14.66 -1.76
N PRO A 280 17.69 -14.21 -2.21
CA PRO A 280 17.84 -13.85 -3.62
C PRO A 280 17.64 -15.04 -4.54
N ASP A 281 17.98 -16.20 -4.08
CA ASP A 281 18.03 -17.54 -4.50
C ASP A 281 16.76 -18.36 -4.68
N ASN A 282 15.58 -17.83 -4.49
CA ASN A 282 14.31 -18.53 -4.59
C ASN A 282 13.26 -17.78 -5.35
N PHE A 283 12.21 -18.38 -5.85
CA PHE A 283 11.23 -17.55 -6.60
C PHE A 283 10.54 -16.54 -5.71
N LEU A 284 10.53 -15.24 -5.92
CA LEU A 284 9.84 -14.25 -5.14
C LEU A 284 8.48 -14.12 -5.85
N HIS A 285 7.58 -14.87 -5.33
CA HIS A 285 6.25 -14.75 -5.95
C HIS A 285 5.55 -13.51 -5.54
N TYR A 286 5.24 -12.52 -6.36
CA TYR A 286 4.46 -11.40 -5.76
C TYR A 286 2.98 -11.51 -6.08
N HIS A 287 2.20 -12.01 -5.13
CA HIS A 287 0.76 -12.13 -5.23
C HIS A 287 0.06 -10.86 -4.73
N ARG A 288 -0.35 -9.97 -5.58
CA ARG A 288 -1.04 -8.71 -5.49
C ARG A 288 -2.40 -8.49 -4.85
N ALA A 289 -2.77 -9.07 -3.74
CA ALA A 289 -4.08 -8.87 -3.09
C ALA A 289 -4.60 -7.45 -3.00
N GLY A 290 -5.89 -7.18 -2.98
CA GLY A 290 -6.46 -5.86 -2.82
C GLY A 290 -6.20 -4.69 -3.72
N HIS A 291 -5.40 -4.83 -4.75
CA HIS A 291 -4.95 -3.93 -5.80
C HIS A 291 -6.13 -3.19 -6.39
N GLY A 292 -7.26 -3.87 -6.38
CA GLY A 292 -8.58 -3.54 -6.81
C GLY A 292 -9.05 -2.17 -6.40
N ALA A 293 -8.67 -1.78 -5.20
CA ALA A 293 -9.03 -0.45 -4.66
C ALA A 293 -8.52 0.67 -5.55
N VAL A 294 -7.41 0.51 -6.26
CA VAL A 294 -6.85 1.51 -7.17
C VAL A 294 -7.09 1.13 -8.64
N THR A 295 -6.35 0.13 -9.06
CA THR A 295 -6.35 -0.47 -10.38
C THR A 295 -7.75 -0.78 -10.93
N SER A 296 -8.60 -1.50 -10.21
CA SER A 296 -9.96 -1.82 -10.70
C SER A 296 -10.50 -0.46 -11.20
N PRO A 297 -10.85 -0.43 -12.47
CA PRO A 297 -11.34 0.75 -13.16
C PRO A 297 -12.56 1.53 -12.74
N GLN A 298 -13.11 1.20 -11.59
CA GLN A 298 -14.27 1.83 -10.96
C GLN A 298 -13.67 2.97 -10.12
N SER A 299 -12.37 2.88 -9.95
CA SER A 299 -11.49 3.80 -9.25
C SER A 299 -10.80 4.72 -10.25
N LYS A 300 -10.82 6.02 -10.09
CA LYS A 300 -10.11 6.90 -11.03
C LYS A 300 -8.82 7.47 -10.44
N ARG A 301 -8.37 7.09 -9.26
CA ARG A 301 -7.17 7.57 -8.60
C ARG A 301 -6.14 6.51 -8.24
N GLY A 302 -4.88 6.70 -8.57
CA GLY A 302 -3.88 5.70 -8.20
C GLY A 302 -3.03 5.46 -9.43
N TYR A 303 -2.78 4.20 -9.64
CA TYR A 303 -2.03 3.66 -10.77
C TYR A 303 -2.97 2.59 -11.30
N THR A 304 -2.63 2.03 -12.44
CA THR A 304 -3.44 0.99 -13.12
C THR A 304 -2.71 -0.33 -12.96
N ALA A 305 -3.32 -1.40 -13.48
CA ALA A 305 -2.63 -2.70 -13.35
C ALA A 305 -1.37 -2.64 -14.20
N PHE A 306 -1.31 -1.90 -15.26
CA PHE A 306 -0.04 -1.91 -16.03
C PHE A 306 1.17 -1.45 -15.22
N VAL A 307 1.05 -0.29 -14.64
CA VAL A 307 2.01 0.43 -13.78
C VAL A 307 2.36 -0.45 -12.58
N HIS A 308 1.44 -1.03 -11.85
CA HIS A 308 1.68 -1.91 -10.72
C HIS A 308 2.56 -3.07 -11.03
N CYS A 309 2.40 -3.62 -12.23
CA CYS A 309 3.24 -4.77 -12.68
C CYS A 309 4.58 -4.28 -13.18
N LYS A 310 4.66 -3.15 -13.87
CA LYS A 310 5.99 -2.65 -14.40
C LYS A 310 7.00 -2.38 -13.30
N MET A 311 6.60 -1.54 -12.31
CA MET A 311 7.51 -1.25 -11.15
C MET A 311 7.76 -2.48 -10.26
N ALA A 312 6.87 -3.46 -10.21
CA ALA A 312 7.10 -4.70 -9.44
C ALA A 312 8.23 -5.49 -10.11
N ARG A 313 8.55 -5.13 -11.35
CA ARG A 313 9.61 -5.76 -12.12
C ARG A 313 10.93 -5.24 -11.64
N LEU A 314 10.99 -3.92 -11.67
CA LEU A 314 12.14 -3.10 -11.21
C LEU A 314 12.63 -3.47 -9.80
N GLN A 315 11.70 -3.61 -8.86
CA GLN A 315 11.78 -3.94 -7.47
C GLN A 315 12.37 -5.30 -7.30
N GLY A 316 11.81 -6.24 -8.05
CA GLY A 316 12.39 -7.58 -7.92
C GLY A 316 11.48 -8.74 -7.81
N ALA A 317 10.22 -8.65 -8.15
CA ALA A 317 9.36 -9.87 -8.08
C ALA A 317 9.85 -10.85 -9.16
N SER A 318 9.86 -12.11 -8.73
CA SER A 318 10.25 -13.27 -9.55
C SER A 318 9.12 -13.51 -10.55
N GLY A 319 7.90 -13.48 -10.03
CA GLY A 319 6.75 -13.63 -10.94
C GLY A 319 5.57 -12.98 -10.22
N ILE A 320 4.79 -12.21 -10.93
CA ILE A 320 3.62 -11.57 -10.38
C ILE A 320 2.38 -12.02 -11.10
N HIS A 321 1.29 -12.07 -10.39
CA HIS A 321 -0.01 -12.46 -10.87
C HIS A 321 -0.55 -11.42 -11.82
N THR A 322 -0.08 -11.41 -13.04
CA THR A 322 -0.47 -10.49 -14.10
C THR A 322 -1.94 -10.33 -14.38
N GLY A 323 -2.72 -11.38 -14.25
CA GLY A 323 -4.17 -11.23 -14.52
C GLY A 323 -4.76 -12.47 -15.16
N THR A 324 -5.14 -12.35 -16.40
CA THR A 324 -5.78 -13.28 -17.35
C THR A 324 -6.08 -12.54 -18.64
N MET A 325 -6.05 -13.13 -19.82
CA MET A 325 -6.40 -12.45 -21.10
C MET A 325 -7.84 -11.94 -20.87
N GLY A 326 -8.61 -12.83 -20.30
CA GLY A 326 -9.99 -12.77 -19.90
C GLY A 326 -10.83 -11.60 -20.39
N PHE A 327 -11.00 -11.48 -21.71
CA PHE A 327 -11.78 -10.39 -22.33
C PHE A 327 -12.86 -10.68 -23.36
N GLY A 328 -13.01 -9.82 -24.38
CA GLY A 328 -13.94 -9.83 -25.50
C GLY A 328 -14.11 -8.52 -26.28
N LYS A 329 -14.10 -8.52 -27.60
CA LYS A 329 -14.23 -7.47 -28.60
C LYS A 329 -13.20 -6.35 -28.69
N MET A 330 -13.54 -5.13 -28.28
CA MET A 330 -12.68 -3.94 -28.34
C MET A 330 -11.85 -3.67 -27.09
N GLU A 331 -10.60 -4.06 -27.30
CA GLU A 331 -9.42 -4.04 -26.46
C GLU A 331 -9.01 -2.63 -26.01
N GLY A 332 -7.95 -2.68 -25.23
CA GLY A 332 -7.24 -1.60 -24.55
C GLY A 332 -7.37 -1.99 -23.06
N GLU A 333 -8.15 -1.21 -22.37
CA GLU A 333 -8.62 -1.10 -21.00
C GLU A 333 -8.15 -2.09 -19.94
N SER A 334 -6.84 -2.17 -19.81
CA SER A 334 -5.84 -2.87 -19.05
C SER A 334 -5.60 -4.35 -19.47
N SER A 335 -4.95 -4.41 -20.62
CA SER A 335 -4.55 -5.57 -21.38
C SER A 335 -3.57 -6.51 -20.69
N ASP A 336 -3.88 -7.79 -20.94
CA ASP A 336 -3.10 -8.89 -20.42
C ASP A 336 -1.83 -9.06 -21.25
N ARG A 337 -1.99 -8.81 -22.55
CA ARG A 337 -0.85 -8.91 -23.51
C ARG A 337 0.11 -7.78 -23.12
N ALA A 338 -0.26 -6.53 -23.25
CA ALA A 338 0.48 -5.28 -22.95
C ALA A 338 1.51 -5.37 -21.83
N ILE A 339 1.03 -5.80 -20.68
CA ILE A 339 1.69 -6.03 -19.43
C ILE A 339 2.73 -7.10 -19.56
N ALA A 340 2.23 -8.28 -19.96
CA ALA A 340 3.04 -9.52 -20.17
C ALA A 340 4.35 -9.29 -20.92
N TYR A 341 4.12 -8.47 -21.93
CA TYR A 341 5.10 -7.96 -22.87
C TYR A 341 5.98 -6.99 -22.11
N MET A 342 5.46 -6.07 -21.28
CA MET A 342 6.41 -5.24 -20.50
C MET A 342 7.14 -6.10 -19.47
N LEU A 343 6.56 -7.07 -18.82
CA LEU A 343 7.31 -7.86 -17.84
C LEU A 343 8.33 -8.89 -18.32
N THR A 344 8.30 -9.32 -19.57
CA THR A 344 9.23 -10.41 -20.04
C THR A 344 10.34 -10.07 -21.00
N GLN A 345 9.95 -9.23 -21.91
CA GLN A 345 10.62 -8.64 -23.03
C GLN A 345 11.55 -7.54 -22.59
N ASP A 346 12.76 -7.65 -23.02
CA ASP A 346 13.86 -6.75 -22.75
C ASP A 346 13.70 -5.44 -23.49
N GLU A 347 12.59 -5.12 -24.13
CA GLU A 347 12.52 -3.80 -24.78
C GLU A 347 11.14 -3.63 -25.29
N ALA A 348 10.10 -3.65 -24.51
CA ALA A 348 8.69 -3.54 -24.81
C ALA A 348 8.13 -2.15 -24.99
N GLN A 349 6.87 -2.02 -25.30
CA GLN A 349 6.13 -0.76 -25.50
C GLN A 349 4.82 -0.77 -24.67
N GLY A 350 4.61 0.25 -23.88
CA GLY A 350 3.45 0.49 -23.01
C GLY A 350 2.62 1.53 -23.76
N PRO A 351 1.46 1.86 -23.18
CA PRO A 351 0.50 2.80 -23.75
C PRO A 351 0.94 4.19 -24.07
N PHE A 352 2.21 4.55 -23.88
CA PHE A 352 2.79 5.85 -24.14
C PHE A 352 4.31 5.78 -24.36
N TYR A 353 4.94 5.08 -23.45
CA TYR A 353 6.40 4.98 -23.47
C TYR A 353 6.81 3.56 -23.83
N ARG A 354 8.04 3.63 -24.22
CA ARG A 354 8.83 2.49 -24.69
C ARG A 354 9.93 2.58 -23.65
N GLN A 355 10.34 1.42 -23.32
CA GLN A 355 11.33 1.13 -22.29
C GLN A 355 12.18 -0.06 -22.72
N SER A 356 13.46 0.10 -22.54
CA SER A 356 14.62 -0.70 -22.79
C SER A 356 15.28 -1.39 -21.62
N TRP A 357 14.65 -2.08 -20.71
CA TRP A 357 15.22 -2.76 -19.57
C TRP A 357 16.65 -3.10 -19.53
N GLY A 358 17.62 -2.73 -20.28
CA GLY A 358 19.01 -2.97 -20.29
C GLY A 358 19.73 -4.13 -19.70
N GLY A 359 19.06 -5.29 -19.75
CA GLY A 359 19.63 -6.56 -19.32
C GLY A 359 19.25 -7.10 -17.98
N MET A 360 18.05 -6.65 -17.65
CA MET A 360 17.45 -7.00 -16.37
C MET A 360 17.38 -8.52 -16.37
N LYS A 361 16.14 -8.87 -16.15
CA LYS A 361 15.83 -10.35 -16.07
C LYS A 361 14.34 -10.16 -16.23
N ALA A 362 13.53 -11.08 -15.79
CA ALA A 362 12.13 -10.79 -16.08
C ALA A 362 11.37 -11.36 -14.90
N CYS A 363 10.13 -10.88 -14.92
CA CYS A 363 9.20 -11.31 -13.83
C CYS A 363 8.15 -12.02 -14.66
N THR A 364 7.98 -13.30 -14.35
CA THR A 364 7.01 -14.10 -15.09
C THR A 364 5.59 -13.74 -14.77
N PRO A 365 4.82 -13.62 -15.86
CA PRO A 365 3.38 -13.36 -15.64
C PRO A 365 2.91 -14.64 -14.93
N ILE A 366 2.04 -14.50 -13.94
CA ILE A 366 1.42 -15.59 -13.18
C ILE A 366 -0.09 -15.37 -13.46
N ILE A 367 -0.50 -16.16 -14.45
CA ILE A 367 -1.86 -16.21 -15.06
C ILE A 367 -2.76 -16.97 -14.11
N SER A 368 -4.03 -16.70 -14.04
CA SER A 368 -4.96 -17.36 -13.13
C SER A 368 -6.38 -17.31 -13.74
N GLY A 369 -6.98 -18.48 -13.64
CA GLY A 369 -8.36 -18.67 -14.15
C GLY A 369 -8.45 -20.14 -14.57
N GLY A 370 -8.29 -20.24 -15.88
CA GLY A 370 -8.33 -21.57 -16.48
C GLY A 370 -9.32 -21.64 -17.63
N MET A 371 -8.69 -22.08 -18.68
CA MET A 371 -9.17 -22.44 -20.02
C MET A 371 -8.61 -23.90 -19.96
N ASN A 372 -9.51 -24.78 -19.63
CA ASN A 372 -9.12 -26.20 -19.48
C ASN A 372 -8.34 -26.68 -20.71
N ALA A 373 -8.03 -27.95 -20.63
CA ALA A 373 -7.34 -28.69 -21.67
C ALA A 373 -7.30 -28.18 -23.09
N LEU A 374 -8.44 -28.04 -23.71
CA LEU A 374 -8.78 -27.66 -25.06
C LEU A 374 -8.67 -26.20 -25.53
N ARG A 375 -8.92 -25.32 -24.56
CA ARG A 375 -8.86 -23.85 -24.78
C ARG A 375 -7.43 -23.34 -24.67
N MET A 376 -6.58 -23.89 -23.85
CA MET A 376 -5.21 -23.60 -23.53
C MET A 376 -4.24 -23.14 -24.62
N PRO A 377 -4.08 -23.95 -25.66
CA PRO A 377 -3.22 -23.73 -26.81
C PRO A 377 -3.64 -22.54 -27.63
N GLY A 378 -4.74 -21.95 -27.32
CA GLY A 378 -5.34 -20.76 -27.94
C GLY A 378 -5.06 -19.56 -27.00
N PHE A 379 -4.51 -19.93 -25.83
CA PHE A 379 -4.12 -18.91 -24.86
C PHE A 379 -2.71 -18.65 -25.42
N PHE A 380 -1.95 -19.72 -25.38
CA PHE A 380 -0.56 -19.76 -25.83
C PHE A 380 -0.31 -19.14 -27.19
N GLU A 381 -1.25 -18.92 -28.06
CA GLU A 381 -1.22 -18.34 -29.38
C GLU A 381 -1.35 -16.82 -29.49
N ASN A 382 -2.22 -16.31 -28.63
CA ASN A 382 -2.54 -14.87 -28.59
C ASN A 382 -1.38 -14.22 -27.79
N LEU A 383 -0.74 -15.08 -27.00
CA LEU A 383 0.42 -14.67 -26.21
C LEU A 383 1.50 -14.83 -27.26
N GLY A 384 2.15 -15.93 -27.43
CA GLY A 384 3.17 -16.13 -28.48
C GLY A 384 4.31 -16.95 -27.87
N ASN A 385 3.97 -17.58 -26.79
CA ASN A 385 4.82 -18.41 -25.97
C ASN A 385 3.83 -19.07 -24.99
N ALA A 386 4.41 -19.69 -24.00
CA ALA A 386 3.69 -20.37 -22.93
C ALA A 386 4.47 -20.34 -21.62
N ASN A 387 5.44 -19.47 -21.44
CA ASN A 387 6.30 -19.38 -20.23
C ASN A 387 5.68 -18.51 -19.12
N VAL A 388 4.78 -19.02 -18.32
CA VAL A 388 4.03 -18.42 -17.28
C VAL A 388 3.79 -19.62 -16.36
N ILE A 389 2.89 -19.40 -15.44
CA ILE A 389 2.50 -20.42 -14.48
C ILE A 389 0.97 -20.29 -14.50
N LEU A 390 0.32 -21.41 -14.38
CA LEU A 390 -1.14 -21.38 -14.39
C LEU A 390 -1.43 -22.03 -13.03
N THR A 391 -2.22 -21.23 -12.38
CA THR A 391 -2.76 -21.41 -11.01
C THR A 391 -4.21 -21.49 -11.41
N ALA A 392 -4.92 -22.52 -11.06
CA ALA A 392 -6.34 -22.56 -11.48
C ALA A 392 -7.15 -23.13 -10.32
N GLY A 393 -8.40 -22.79 -10.55
CA GLY A 393 -9.47 -23.22 -9.61
C GLY A 393 -9.98 -24.39 -10.45
N GLY A 394 -9.90 -25.60 -9.95
CA GLY A 394 -10.32 -26.84 -10.59
C GLY A 394 -11.69 -26.88 -11.25
N GLY A 395 -11.93 -25.92 -12.09
CA GLY A 395 -12.88 -25.37 -13.01
C GLY A 395 -12.21 -25.63 -14.38
N ALA A 396 -10.91 -25.41 -14.34
CA ALA A 396 -9.97 -25.63 -15.42
C ALA A 396 -9.66 -27.13 -15.41
N PHE A 397 -9.83 -27.73 -14.23
CA PHE A 397 -9.61 -29.13 -13.90
C PHE A 397 -10.92 -29.89 -13.55
N GLY A 398 -11.97 -29.53 -14.25
CA GLY A 398 -13.33 -30.13 -14.20
C GLY A 398 -13.11 -31.30 -15.17
N HIS A 399 -13.11 -32.53 -14.67
CA HIS A 399 -12.82 -33.69 -15.56
C HIS A 399 -13.45 -35.00 -15.19
N ILE A 400 -14.12 -35.69 -16.10
CA ILE A 400 -14.74 -36.98 -15.81
C ILE A 400 -13.89 -37.85 -14.85
N ASP A 401 -12.60 -37.88 -15.00
CA ASP A 401 -11.60 -38.60 -14.26
C ASP A 401 -11.15 -37.94 -12.97
N GLY A 402 -11.63 -36.76 -12.59
CA GLY A 402 -11.13 -36.15 -11.33
C GLY A 402 -9.93 -35.28 -11.63
N PRO A 403 -9.72 -34.21 -10.86
CA PRO A 403 -8.64 -33.23 -11.07
C PRO A 403 -7.18 -33.64 -11.14
N VAL A 404 -6.99 -34.97 -11.24
CA VAL A 404 -5.68 -35.61 -11.37
C VAL A 404 -5.43 -35.72 -12.87
N ALA A 405 -6.50 -35.91 -13.60
CA ALA A 405 -6.41 -36.03 -15.07
C ALA A 405 -6.52 -34.60 -15.63
N GLY A 406 -7.00 -33.66 -14.82
CA GLY A 406 -7.12 -32.28 -15.33
C GLY A 406 -5.79 -31.61 -15.56
N ALA A 407 -4.87 -31.65 -14.64
CA ALA A 407 -3.57 -31.06 -14.55
C ALA A 407 -2.61 -31.69 -15.52
N ARG A 408 -3.03 -32.92 -15.87
CA ARG A 408 -2.29 -33.73 -16.86
C ARG A 408 -2.91 -33.45 -18.25
N SER A 409 -4.22 -33.30 -18.26
CA SER A 409 -4.94 -33.01 -19.48
C SER A 409 -4.33 -31.70 -19.98
N LEU A 410 -4.44 -30.68 -19.14
CA LEU A 410 -3.89 -29.32 -19.47
C LEU A 410 -2.39 -29.39 -19.58
N ARG A 411 -1.55 -30.21 -18.98
CA ARG A 411 -0.12 -30.36 -19.24
C ARG A 411 0.13 -30.91 -20.68
N GLN A 412 -0.77 -31.83 -21.02
CA GLN A 412 -0.84 -32.47 -22.33
C GLN A 412 -1.14 -31.33 -23.31
N ALA A 413 -2.20 -30.53 -23.16
CA ALA A 413 -2.41 -29.51 -24.18
C ALA A 413 -1.20 -28.66 -24.47
N TRP A 414 -0.22 -28.38 -23.62
CA TRP A 414 0.95 -27.52 -23.77
C TRP A 414 1.96 -28.43 -24.45
N GLN A 415 2.27 -29.60 -23.93
CA GLN A 415 3.23 -30.39 -24.77
C GLN A 415 2.90 -30.38 -26.25
N ALA A 416 1.65 -30.60 -26.57
CA ALA A 416 1.02 -30.58 -27.88
C ALA A 416 1.37 -29.36 -28.74
N TRP A 417 1.15 -28.18 -28.17
CA TRP A 417 1.36 -26.83 -28.70
C TRP A 417 2.81 -26.57 -29.10
N ARG A 418 3.69 -26.78 -28.16
CA ARG A 418 5.14 -26.71 -28.10
C ARG A 418 5.71 -27.39 -29.35
N ASP A 419 5.68 -28.72 -29.32
CA ASP A 419 6.02 -29.72 -30.35
C ASP A 419 5.25 -29.46 -31.66
N GLY A 420 4.01 -29.04 -31.60
CA GLY A 420 3.08 -28.63 -32.60
C GLY A 420 2.28 -29.38 -33.60
N VAL A 421 1.66 -30.48 -33.25
CA VAL A 421 0.84 -31.53 -33.85
C VAL A 421 -0.66 -31.57 -33.70
N PRO A 422 -1.32 -30.44 -33.71
CA PRO A 422 -2.80 -30.25 -33.49
C PRO A 422 -3.21 -31.16 -32.38
N VAL A 423 -3.84 -30.48 -31.42
CA VAL A 423 -4.34 -31.09 -30.17
C VAL A 423 -4.88 -32.51 -30.28
N LEU A 424 -5.80 -32.72 -31.20
CA LEU A 424 -6.53 -33.93 -31.57
C LEU A 424 -5.76 -35.21 -31.82
N ASP A 425 -4.61 -35.16 -32.49
CA ASP A 425 -3.74 -36.30 -32.81
C ASP A 425 -2.96 -36.79 -31.59
N TYR A 426 -2.94 -35.89 -30.60
CA TYR A 426 -2.31 -36.01 -29.31
C TYR A 426 -3.25 -36.76 -28.37
N ALA A 427 -4.55 -36.45 -28.50
CA ALA A 427 -5.58 -37.10 -27.65
C ALA A 427 -5.79 -38.60 -27.86
N ARG A 428 -5.49 -39.12 -29.05
CA ARG A 428 -5.57 -40.57 -29.29
C ARG A 428 -4.47 -41.11 -28.35
N GLU A 429 -3.31 -40.53 -28.57
CA GLU A 429 -2.05 -40.80 -27.87
C GLU A 429 -2.01 -40.51 -26.38
N HIS A 430 -2.62 -39.42 -25.91
CA HIS A 430 -2.62 -39.10 -24.43
C HIS A 430 -4.07 -39.07 -23.96
N LYS A 431 -4.46 -39.97 -23.06
CA LYS A 431 -5.84 -40.15 -22.56
C LYS A 431 -6.69 -39.05 -21.93
N GLU A 432 -6.08 -38.31 -21.00
CA GLU A 432 -6.68 -37.23 -20.18
C GLU A 432 -7.02 -36.05 -21.04
N LEU A 433 -6.44 -36.05 -22.23
CA LEU A 433 -6.65 -35.08 -23.28
C LEU A 433 -7.88 -35.52 -24.10
N ALA A 434 -7.87 -36.83 -24.31
CA ALA A 434 -8.96 -37.52 -25.03
C ALA A 434 -10.21 -37.30 -24.19
N ARG A 435 -10.02 -37.71 -22.93
CA ARG A 435 -11.04 -37.59 -21.89
C ARG A 435 -11.27 -36.11 -21.51
N ALA A 436 -10.30 -35.25 -21.78
CA ALA A 436 -10.33 -33.81 -21.56
C ALA A 436 -11.39 -33.23 -22.53
N PHE A 437 -11.57 -33.93 -23.62
CA PHE A 437 -12.60 -33.58 -24.62
C PHE A 437 -13.92 -34.03 -23.99
N GLU A 438 -14.02 -35.29 -23.57
CA GLU A 438 -15.29 -35.77 -23.01
C GLU A 438 -15.80 -34.83 -21.93
N SER A 439 -14.94 -34.34 -21.04
CA SER A 439 -15.34 -33.44 -19.95
C SER A 439 -15.91 -32.12 -20.44
N PHE A 440 -15.38 -31.68 -21.58
CA PHE A 440 -15.78 -30.43 -22.24
C PHE A 440 -16.37 -30.50 -23.65
N PRO A 441 -17.55 -31.08 -23.81
CA PRO A 441 -18.27 -31.17 -25.08
C PRO A 441 -18.58 -29.79 -25.69
N GLY A 442 -18.69 -28.79 -24.82
CA GLY A 442 -18.95 -27.39 -24.97
C GLY A 442 -17.95 -26.58 -25.77
N ASP A 443 -16.73 -27.10 -25.78
CA ASP A 443 -15.60 -26.53 -26.51
C ASP A 443 -15.15 -27.69 -27.40
N ALA A 444 -14.82 -28.79 -26.79
CA ALA A 444 -14.33 -30.03 -27.44
C ALA A 444 -15.38 -30.72 -28.32
N ASP A 445 -15.50 -30.02 -29.42
CA ASP A 445 -16.39 -30.17 -30.56
C ASP A 445 -16.04 -28.85 -31.28
N GLN A 446 -16.71 -27.78 -30.86
CA GLN A 446 -16.48 -26.45 -31.46
C GLN A 446 -15.01 -26.01 -31.51
N ILE A 447 -14.31 -25.85 -30.40
CA ILE A 447 -12.91 -25.41 -30.37
C ILE A 447 -11.89 -26.38 -30.95
N TYR A 448 -12.19 -27.67 -31.02
CA TYR A 448 -11.26 -28.67 -31.58
C TYR A 448 -12.01 -29.62 -32.49
N PRO A 449 -12.37 -29.11 -33.64
CA PRO A 449 -13.11 -29.62 -34.78
C PRO A 449 -13.99 -30.80 -34.97
N GLY A 450 -13.52 -32.01 -35.16
CA GLY A 450 -14.47 -33.11 -35.42
C GLY A 450 -14.25 -34.30 -34.53
N TRP A 451 -13.42 -34.22 -33.53
CA TRP A 451 -13.08 -35.30 -32.60
C TRP A 451 -13.92 -36.54 -32.42
N ARG A 452 -15.22 -36.55 -32.51
CA ARG A 452 -16.04 -37.76 -32.32
C ARG A 452 -15.47 -38.90 -33.15
N LYS A 453 -15.63 -38.72 -34.46
CA LYS A 453 -15.12 -39.71 -35.44
C LYS A 453 -13.71 -40.21 -35.16
N ALA A 454 -12.75 -39.29 -35.07
CA ALA A 454 -11.34 -39.63 -34.85
C ALA A 454 -10.94 -40.02 -33.44
N LEU A 455 -11.71 -39.51 -32.48
CA LEU A 455 -11.39 -39.73 -31.08
C LEU A 455 -12.45 -40.26 -30.13
N GLY A 456 -11.89 -40.68 -29.00
CA GLY A 456 -12.46 -41.21 -27.82
C GLY A 456 -13.70 -41.97 -27.57
N VAL A 457 -14.34 -42.62 -28.52
CA VAL A 457 -15.53 -43.46 -28.31
C VAL A 457 -16.81 -43.07 -29.00
N GLU A 458 -17.82 -43.60 -28.35
CA GLU A 458 -19.25 -43.63 -28.57
C GLU A 458 -20.17 -42.81 -27.70
N ASP A 459 -21.23 -42.28 -28.31
CA ASP A 459 -22.29 -41.44 -27.72
C ASP A 459 -22.37 -40.18 -28.62
N THR A 460 -23.51 -39.50 -28.65
CA THR A 460 -24.50 -38.73 -28.73
C THR A 460 -26.03 -38.40 -28.19
N ASP B 2 -27.15 -20.48 -6.34
CA ASP B 2 -25.73 -20.52 -5.97
C ASP B 2 -25.43 -19.78 -4.65
N GLN B 3 -24.18 -19.78 -4.28
CA GLN B 3 -23.30 -19.31 -3.25
C GLN B 3 -23.53 -19.55 -1.76
N SER B 4 -24.70 -19.75 -1.24
CA SER B 4 -24.88 -20.03 0.18
C SER B 4 -25.93 -19.27 0.98
N SER B 5 -26.03 -19.84 2.18
CA SER B 5 -26.88 -19.59 3.33
C SER B 5 -26.13 -20.13 4.57
N ARG B 6 -24.83 -20.30 4.35
CA ARG B 6 -24.02 -20.85 5.47
C ARG B 6 -23.29 -19.72 6.21
N TYR B 7 -22.92 -18.76 5.39
CA TYR B 7 -22.22 -17.57 5.83
C TYR B 7 -23.14 -16.41 6.23
N VAL B 8 -24.34 -16.63 6.66
CA VAL B 8 -25.31 -15.64 7.07
C VAL B 8 -26.07 -16.42 8.17
N ASN B 9 -26.37 -15.53 9.07
CA ASN B 9 -27.06 -15.76 10.33
C ASN B 9 -27.42 -14.37 10.85
N LEU B 10 -28.49 -13.77 10.43
CA LEU B 10 -29.08 -12.52 10.78
C LEU B 10 -29.82 -12.53 12.14
N ALA B 11 -29.63 -13.51 12.99
CA ALA B 11 -30.29 -13.68 14.25
C ALA B 11 -29.33 -13.51 15.42
N LEU B 12 -28.09 -13.51 14.92
CA LEU B 12 -26.98 -13.38 15.92
C LEU B 12 -27.20 -11.96 16.45
N LYS B 13 -27.25 -11.82 17.77
CA LYS B 13 -27.42 -10.42 18.30
C LYS B 13 -26.01 -9.77 18.28
N GLU B 14 -26.03 -8.55 17.76
CA GLU B 14 -24.89 -7.64 17.58
C GLU B 14 -24.02 -7.43 18.80
N GLU B 15 -24.60 -7.37 19.97
CA GLU B 15 -24.12 -7.18 21.31
C GLU B 15 -23.69 -8.39 22.08
N ASP B 16 -24.30 -9.50 21.72
CA ASP B 16 -24.11 -10.88 22.25
C ASP B 16 -22.79 -11.37 21.63
N LEU B 17 -22.50 -10.88 20.42
CA LEU B 17 -21.32 -11.12 19.62
C LEU B 17 -20.06 -10.45 20.15
N ILE B 18 -20.20 -9.18 20.42
CA ILE B 18 -19.23 -8.27 20.98
C ILE B 18 -18.77 -8.85 22.32
N ALA B 19 -19.76 -9.11 23.16
CA ALA B 19 -19.59 -9.65 24.53
C ALA B 19 -18.94 -11.01 24.69
N GLY B 20 -19.15 -11.91 23.72
CA GLY B 20 -18.66 -13.26 23.58
C GLY B 20 -17.16 -13.32 23.36
N GLY B 21 -16.73 -12.33 22.60
CA GLY B 21 -15.37 -11.98 22.19
C GLY B 21 -14.64 -12.93 21.28
N GLU B 22 -15.38 -13.66 20.40
CA GLU B 22 -14.62 -14.59 19.53
C GLU B 22 -14.41 -13.95 18.17
N HIS B 23 -15.09 -12.94 17.80
CA HIS B 23 -15.01 -12.33 16.52
C HIS B 23 -14.61 -10.91 16.29
N VAL B 24 -13.87 -10.67 15.25
CA VAL B 24 -13.51 -9.31 14.80
C VAL B 24 -14.68 -8.82 13.96
N LEU B 25 -15.49 -7.79 14.14
CA LEU B 25 -16.59 -7.41 13.24
C LEU B 25 -16.22 -6.33 12.22
N CYS B 26 -16.89 -6.23 11.09
CA CYS B 26 -16.53 -5.22 10.08
C CYS B 26 -17.77 -4.55 9.57
N ALA B 27 -17.66 -3.37 9.01
CA ALA B 27 -18.88 -2.66 8.60
C ALA B 27 -18.54 -1.97 7.27
N TYR B 28 -19.17 -2.51 6.24
CA TYR B 28 -18.93 -1.97 4.89
C TYR B 28 -20.26 -1.46 4.30
N ILE B 29 -20.06 -0.63 3.32
CA ILE B 29 -21.03 -0.03 2.45
C ILE B 29 -20.63 -0.72 1.12
N MET B 30 -21.45 -1.62 0.61
CA MET B 30 -21.18 -2.35 -0.62
C MET B 30 -22.52 -2.49 -1.37
N LYS B 31 -22.38 -2.18 -2.63
CA LYS B 31 -23.55 -2.28 -3.53
C LYS B 31 -23.15 -3.37 -4.52
N PRO B 32 -23.92 -4.44 -4.65
CA PRO B 32 -23.63 -5.49 -5.62
C PRO B 32 -23.82 -4.99 -7.06
N LYS B 33 -23.07 -5.52 -8.02
CA LYS B 33 -23.20 -5.12 -9.43
C LYS B 33 -24.63 -5.37 -9.93
N ALA B 34 -25.09 -4.63 -10.91
CA ALA B 34 -26.46 -4.75 -11.44
C ALA B 34 -26.99 -6.16 -11.69
N GLY B 35 -27.99 -6.50 -10.87
CA GLY B 35 -28.59 -7.81 -10.99
C GLY B 35 -28.61 -8.71 -9.79
N TYR B 36 -27.56 -8.76 -9.01
CA TYR B 36 -27.43 -9.58 -7.80
C TYR B 36 -28.16 -9.20 -6.51
N GLY B 37 -28.47 -10.24 -5.73
CA GLY B 37 -29.15 -10.15 -4.43
C GLY B 37 -28.17 -9.45 -3.48
N TYR B 38 -28.78 -8.91 -2.42
CA TYR B 38 -27.99 -8.21 -1.41
C TYR B 38 -27.37 -9.34 -0.58
N VAL B 39 -28.25 -10.09 0.07
CA VAL B 39 -27.80 -11.22 0.90
C VAL B 39 -26.78 -12.14 0.23
N ALA B 40 -27.09 -12.64 -0.96
CA ALA B 40 -26.24 -13.55 -1.74
C ALA B 40 -24.89 -12.87 -1.99
N THR B 41 -24.96 -11.57 -2.28
CA THR B 41 -23.75 -10.79 -2.55
C THR B 41 -22.97 -10.61 -1.24
N ALA B 42 -23.74 -10.54 -0.14
CA ALA B 42 -23.07 -10.36 1.16
C ALA B 42 -22.30 -11.61 1.52
N ALA B 43 -23.00 -12.74 1.50
CA ALA B 43 -22.41 -14.07 1.81
C ALA B 43 -21.29 -14.46 0.85
N HIS B 44 -21.34 -13.93 -0.38
CA HIS B 44 -20.31 -14.29 -1.35
C HIS B 44 -19.06 -13.68 -0.76
N PHE B 45 -19.10 -12.38 -0.61
CA PHE B 45 -18.04 -11.51 -0.02
C PHE B 45 -17.58 -12.02 1.33
N ALA B 46 -18.46 -12.55 2.19
CA ALA B 46 -18.01 -13.12 3.47
C ALA B 46 -17.15 -14.34 3.12
N ALA B 47 -17.74 -15.11 2.20
CA ALA B 47 -17.20 -16.36 1.63
C ALA B 47 -15.82 -16.13 1.02
N GLU B 48 -15.65 -15.12 0.18
CA GLU B 48 -14.36 -14.75 -0.41
C GLU B 48 -13.35 -14.15 0.58
N SER B 49 -13.72 -13.86 1.79
CA SER B 49 -12.91 -13.31 2.89
C SER B 49 -12.73 -14.38 3.97
N SER B 50 -13.50 -15.47 3.87
CA SER B 50 -13.35 -16.50 4.92
C SER B 50 -12.67 -17.77 4.45
N THR B 51 -13.48 -18.71 3.98
CA THR B 51 -13.16 -20.04 3.53
C THR B 51 -13.15 -20.48 2.09
N GLY B 52 -13.87 -19.90 1.17
CA GLY B 52 -13.91 -20.30 -0.23
C GLY B 52 -14.70 -21.57 -0.58
N THR B 53 -13.90 -22.54 -1.06
CA THR B 53 -14.36 -23.86 -1.54
C THR B 53 -15.23 -23.47 -2.74
N ASN B 54 -14.50 -23.06 -3.76
CA ASN B 54 -15.00 -22.60 -5.09
C ASN B 54 -16.45 -23.03 -5.35
N VAL B 55 -16.65 -24.21 -5.92
CA VAL B 55 -17.93 -24.84 -6.25
C VAL B 55 -18.02 -26.24 -5.62
N GLU B 56 -19.25 -26.67 -5.43
CA GLU B 56 -19.64 -27.97 -4.94
C GLU B 56 -19.87 -28.59 -3.58
N VAL B 57 -18.93 -29.39 -3.07
CA VAL B 57 -19.02 -30.19 -1.84
C VAL B 57 -18.02 -30.04 -0.70
N CYS B 58 -18.37 -30.65 0.41
CA CYS B 58 -17.91 -30.91 1.73
C CYS B 58 -16.41 -30.96 2.00
N THR B 59 -15.63 -31.43 1.05
CA THR B 59 -14.15 -31.59 1.13
C THR B 59 -13.84 -32.35 2.41
N THR B 60 -12.64 -32.28 2.99
CA THR B 60 -12.31 -33.05 4.20
C THR B 60 -13.30 -32.84 5.34
N ASP B 61 -13.75 -31.59 5.51
CA ASP B 61 -14.78 -31.22 6.51
C ASP B 61 -14.39 -31.38 7.99
N ASP B 62 -15.20 -30.84 8.89
CA ASP B 62 -15.08 -30.86 10.38
C ASP B 62 -14.15 -29.74 10.89
N PHE B 63 -14.78 -28.58 11.09
CA PHE B 63 -14.22 -27.32 11.56
C PHE B 63 -14.15 -26.22 10.52
N THR B 64 -14.14 -26.45 9.24
CA THR B 64 -14.13 -25.39 8.21
C THR B 64 -15.41 -24.57 8.33
N ARG B 65 -16.44 -25.30 8.65
CA ARG B 65 -17.83 -25.03 8.91
C ARG B 65 -18.00 -24.60 10.37
N GLY B 66 -17.01 -23.97 10.97
CA GLY B 66 -17.02 -23.50 12.37
C GLY B 66 -16.39 -22.13 12.50
N VAL B 67 -15.28 -21.91 11.83
CA VAL B 67 -14.44 -20.75 11.68
C VAL B 67 -14.85 -19.89 10.47
N ASP B 68 -16.12 -19.96 10.15
CA ASP B 68 -16.76 -19.31 9.04
C ASP B 68 -17.12 -17.87 9.39
N ALA B 69 -16.73 -16.97 8.51
CA ALA B 69 -17.07 -15.55 8.71
C ALA B 69 -18.57 -15.48 8.40
N LEU B 70 -19.44 -14.91 9.21
CA LEU B 70 -20.87 -14.75 9.07
C LEU B 70 -21.36 -13.33 8.88
N VAL B 71 -22.29 -13.01 8.00
CA VAL B 71 -22.90 -11.69 7.80
C VAL B 71 -24.05 -11.79 8.87
N TYR B 72 -24.11 -10.83 9.78
CA TYR B 72 -25.04 -10.80 10.93
C TYR B 72 -26.04 -9.68 10.80
N GLU B 73 -25.82 -8.90 9.76
CA GLU B 73 -26.73 -7.77 9.57
C GLU B 73 -26.51 -7.08 8.24
N VAL B 74 -27.62 -6.67 7.61
CA VAL B 74 -27.59 -5.97 6.36
C VAL B 74 -28.80 -5.03 6.25
N ASP B 75 -28.51 -4.00 5.47
CA ASP B 75 -29.47 -2.95 5.12
C ASP B 75 -29.21 -2.84 3.60
N GLU B 76 -30.22 -3.03 2.79
CA GLU B 76 -30.09 -2.95 1.35
C GLU B 76 -30.19 -1.49 0.92
N ALA B 77 -31.02 -0.74 1.60
CA ALA B 77 -31.34 0.67 1.46
C ALA B 77 -30.29 1.72 1.87
N ARG B 78 -29.37 1.37 2.75
CA ARG B 78 -28.29 2.30 3.14
C ARG B 78 -26.97 1.65 2.66
N GLU B 79 -27.10 0.38 2.31
CA GLU B 79 -26.19 -0.63 1.78
C GLU B 79 -25.18 -1.04 2.85
N LEU B 80 -25.75 -1.65 3.88
CA LEU B 80 -25.07 -2.07 5.05
C LEU B 80 -24.74 -3.49 5.40
N THR B 81 -23.51 -3.86 5.12
CA THR B 81 -23.08 -5.21 5.47
C THR B 81 -22.19 -5.25 6.69
N LYS B 82 -22.54 -6.00 7.72
CA LYS B 82 -21.60 -6.08 8.83
C LYS B 82 -21.23 -7.56 8.81
N ILE B 83 -19.98 -7.90 8.89
CA ILE B 83 -19.51 -9.28 8.85
C ILE B 83 -18.57 -9.44 10.06
N ALA B 84 -18.79 -10.52 10.74
CA ALA B 84 -18.23 -11.08 11.90
C ALA B 84 -17.23 -12.18 11.69
N TYR B 85 -15.94 -11.89 11.69
CA TYR B 85 -14.91 -12.88 11.48
C TYR B 85 -14.29 -13.57 12.66
N PRO B 86 -14.54 -14.84 12.80
CA PRO B 86 -13.95 -15.65 13.90
C PRO B 86 -12.53 -15.23 14.20
N VAL B 87 -12.01 -15.29 15.42
CA VAL B 87 -10.66 -14.80 15.79
C VAL B 87 -9.71 -15.88 15.36
N ALA B 88 -10.14 -17.15 15.30
CA ALA B 88 -9.12 -18.16 14.84
C ALA B 88 -8.58 -17.91 13.44
N LEU B 89 -9.20 -17.26 12.49
CA LEU B 89 -8.73 -16.99 11.17
C LEU B 89 -7.54 -16.08 11.01
N PHE B 90 -6.97 -15.47 12.01
CA PHE B 90 -6.00 -14.40 12.01
C PHE B 90 -4.57 -14.57 11.82
N ASP B 91 -3.73 -15.49 12.04
CA ASP B 91 -2.28 -15.41 11.67
C ASP B 91 -1.55 -14.40 12.59
N ARG B 92 -0.74 -15.08 13.36
CA ARG B 92 0.16 -14.66 14.39
C ARG B 92 1.58 -15.16 14.08
N ASN B 93 2.53 -14.36 14.48
CA ASN B 93 3.95 -14.67 14.35
C ASN B 93 4.31 -15.97 15.06
N ILE B 94 5.29 -16.67 14.55
CA ILE B 94 5.91 -17.91 15.00
C ILE B 94 7.18 -17.61 15.84
N THR B 95 7.49 -16.32 15.65
CA THR B 95 8.59 -15.58 16.22
C THR B 95 8.15 -15.23 17.64
N ASP B 96 7.14 -14.39 17.75
CA ASP B 96 6.65 -13.97 19.05
C ASP B 96 5.16 -14.03 19.28
N GLY B 97 4.37 -14.75 18.51
CA GLY B 97 2.94 -14.94 18.64
C GLY B 97 1.97 -13.79 18.47
N LYS B 98 2.46 -12.63 18.16
CA LYS B 98 1.63 -11.45 18.02
C LYS B 98 0.89 -11.16 16.78
N ALA B 99 -0.22 -10.47 16.72
CA ALA B 99 -0.96 -10.16 15.50
C ALA B 99 -0.09 -9.50 14.47
N MET B 100 -0.59 -9.21 13.29
CA MET B 100 0.11 -8.56 12.14
C MET B 100 -0.99 -7.84 11.39
N ILE B 101 -0.85 -6.57 11.08
CA ILE B 101 -1.89 -5.81 10.38
C ILE B 101 -2.01 -6.46 8.98
N ALA B 102 -0.90 -6.91 8.42
CA ALA B 102 -0.90 -7.55 7.08
C ALA B 102 -2.10 -8.49 7.02
N SER B 103 -2.13 -9.46 7.87
CA SER B 103 -3.30 -10.34 7.85
C SER B 103 -4.65 -9.69 8.05
N PHE B 104 -4.81 -8.81 9.06
CA PHE B 104 -6.10 -8.15 9.29
C PHE B 104 -6.51 -7.59 7.92
N LEU B 105 -5.68 -6.90 7.18
CA LEU B 105 -5.88 -6.31 5.85
C LEU B 105 -6.15 -7.39 4.75
N THR B 106 -5.31 -8.39 4.66
CA THR B 106 -5.48 -9.49 3.73
C THR B 106 -6.88 -10.12 3.63
N LEU B 107 -7.45 -10.38 4.79
CA LEU B 107 -8.76 -10.97 5.07
C LEU B 107 -9.83 -9.93 4.73
N THR B 108 -9.94 -8.93 5.57
CA THR B 108 -10.92 -7.84 5.48
C THR B 108 -10.87 -6.92 4.31
N MET B 109 -9.75 -6.80 3.61
CA MET B 109 -9.74 -5.96 2.38
C MET B 109 -8.61 -6.29 1.40
N GLY B 110 -8.70 -7.56 0.98
CA GLY B 110 -7.78 -8.23 0.05
C GLY B 110 -8.45 -8.36 -1.30
N ASN B 111 -8.68 -9.58 -1.71
CA ASN B 111 -9.34 -10.01 -2.95
C ASN B 111 -10.84 -9.81 -2.95
N ASN B 112 -11.28 -8.92 -2.16
CA ASN B 112 -12.54 -8.37 -1.72
C ASN B 112 -12.84 -7.08 -2.47
N GLN B 113 -11.72 -6.41 -2.70
CA GLN B 113 -11.61 -5.12 -3.38
C GLN B 113 -11.65 -5.29 -4.88
N GLY B 114 -11.62 -6.51 -5.38
CA GLY B 114 -11.69 -6.83 -6.82
C GLY B 114 -12.29 -8.25 -6.79
N MET B 115 -13.61 -8.38 -6.85
CA MET B 115 -14.14 -9.77 -6.71
C MET B 115 -15.61 -10.01 -7.00
N GLY B 116 -15.83 -10.92 -7.94
CA GLY B 116 -17.14 -11.38 -8.38
C GLY B 116 -18.21 -10.36 -8.68
N ASP B 117 -19.22 -10.47 -7.84
CA ASP B 117 -20.44 -9.65 -7.89
C ASP B 117 -20.50 -8.35 -7.08
N VAL B 118 -19.33 -7.93 -6.60
CA VAL B 118 -19.17 -6.70 -5.82
C VAL B 118 -18.57 -5.61 -6.71
N GLU B 119 -19.31 -4.54 -6.58
CA GLU B 119 -19.12 -3.24 -7.26
C GLU B 119 -18.92 -2.18 -6.16
N TYR B 120 -17.69 -1.94 -5.80
CA TYR B 120 -17.34 -1.02 -4.73
C TYR B 120 -17.89 -1.54 -3.39
N ALA B 121 -16.90 -1.47 -2.50
CA ALA B 121 -17.09 -1.89 -1.10
C ALA B 121 -15.98 -1.11 -0.38
N LYS B 122 -16.47 -0.28 0.52
CA LYS B 122 -15.66 0.62 1.38
C LYS B 122 -15.77 0.18 2.83
N MET B 123 -14.68 -0.33 3.44
CA MET B 123 -14.80 -0.70 4.86
C MET B 123 -14.93 0.65 5.63
N HIS B 124 -15.87 0.78 6.54
CA HIS B 124 -16.10 1.97 7.33
C HIS B 124 -15.89 1.83 8.84
N ASP B 125 -15.27 0.80 9.38
CA ASP B 125 -15.15 0.62 10.82
C ASP B 125 -15.09 -0.89 11.14
N PHE B 126 -14.27 -1.33 12.03
CA PHE B 126 -14.03 -2.63 12.54
C PHE B 126 -14.19 -2.61 14.06
N TYR B 127 -14.13 -3.73 14.73
CA TYR B 127 -14.27 -3.80 16.19
C TYR B 127 -13.25 -4.84 16.55
N VAL B 128 -12.33 -4.66 17.47
CA VAL B 128 -11.39 -5.78 17.76
C VAL B 128 -11.71 -6.33 19.13
N PRO B 129 -11.80 -7.62 19.38
CA PRO B 129 -12.10 -8.19 20.70
C PRO B 129 -10.86 -8.03 21.57
N GLU B 130 -10.91 -8.52 22.80
CA GLU B 130 -9.83 -8.45 23.79
C GLU B 130 -8.72 -9.44 23.55
N ALA B 131 -9.06 -10.60 23.06
CA ALA B 131 -8.08 -11.66 22.77
C ALA B 131 -7.33 -11.32 21.49
N TYR B 132 -7.76 -10.33 20.73
CA TYR B 132 -7.06 -9.95 19.48
C TYR B 132 -6.39 -8.57 19.59
N ARG B 133 -7.02 -7.66 20.34
CA ARG B 133 -6.51 -6.29 20.60
C ARG B 133 -5.14 -6.42 21.25
N ALA B 134 -4.94 -7.27 22.23
CA ALA B 134 -3.74 -7.49 22.99
C ALA B 134 -2.61 -8.31 22.45
N LEU B 135 -2.74 -8.40 21.15
CA LEU B 135 -1.75 -9.27 20.36
C LEU B 135 -1.07 -8.17 19.56
N PHE B 136 -1.82 -7.09 19.50
CA PHE B 136 -1.31 -5.89 18.81
C PHE B 136 -0.22 -5.13 19.60
N ASP B 137 0.63 -4.55 18.78
CA ASP B 137 1.83 -3.77 19.15
C ASP B 137 1.40 -2.49 19.86
N GLY B 138 0.91 -1.50 19.15
CA GLY B 138 0.41 -0.21 19.68
C GLY B 138 1.54 0.78 19.71
N PRO B 139 1.25 2.04 20.01
CA PRO B 139 2.33 3.06 20.02
C PRO B 139 3.09 2.79 21.30
N SER B 140 4.37 3.05 21.12
CA SER B 140 5.36 2.87 22.18
C SER B 140 5.41 4.13 23.09
N VAL B 141 5.39 5.28 22.44
CA VAL B 141 5.45 6.67 22.66
C VAL B 141 4.41 7.49 21.89
N ASN B 142 4.13 8.69 22.34
CA ASN B 142 3.16 9.65 21.78
C ASN B 142 3.65 11.04 22.18
N ILE B 143 2.87 12.08 21.98
CA ILE B 143 3.33 13.47 22.35
C ILE B 143 3.88 13.52 23.76
N SER B 144 3.55 12.79 24.78
CA SER B 144 4.18 12.74 26.04
C SER B 144 5.66 12.55 25.96
N ALA B 145 6.40 12.04 25.01
CA ALA B 145 7.86 11.84 25.14
C ALA B 145 8.68 13.00 24.58
N LEU B 146 8.01 13.84 23.86
CA LEU B 146 8.16 15.05 23.12
C LEU B 146 7.85 16.24 24.06
N TRP B 147 6.94 16.13 24.99
CA TRP B 147 6.56 17.08 26.03
C TRP B 147 7.70 16.87 27.04
N LYS B 148 7.87 15.55 27.19
CA LYS B 148 8.91 15.09 28.08
C LYS B 148 10.20 15.67 27.52
N VAL B 149 10.43 15.95 26.24
CA VAL B 149 11.77 16.49 25.90
C VAL B 149 11.78 18.02 25.90
N LEU B 150 10.60 18.58 25.80
CA LEU B 150 10.38 20.02 25.78
C LEU B 150 10.25 20.65 27.20
N GLY B 151 10.41 19.86 28.21
CA GLY B 151 10.34 20.05 29.64
C GLY B 151 8.96 20.57 29.99
N ARG B 152 7.99 19.76 29.60
CA ARG B 152 6.55 20.10 29.86
C ARG B 152 6.03 18.96 30.71
N PRO B 153 4.82 19.06 31.17
CA PRO B 153 4.25 17.96 31.93
C PRO B 153 3.69 16.88 30.98
N GLU B 154 4.09 15.65 31.20
CA GLU B 154 3.64 14.48 30.49
C GLU B 154 2.14 14.22 30.48
N VAL B 155 1.25 14.96 31.08
CA VAL B 155 -0.19 14.74 31.05
C VAL B 155 -0.68 16.16 30.68
N ASP B 156 -1.35 16.32 29.59
CA ASP B 156 -1.90 17.62 29.14
C ASP B 156 -0.86 18.72 28.84
N GLY B 157 0.34 18.40 28.43
CA GLY B 157 1.40 19.29 28.06
C GLY B 157 0.97 20.22 26.94
N GLY B 158 -0.11 20.19 26.22
CA GLY B 158 -0.36 21.13 25.12
C GLY B 158 0.38 20.91 23.81
N LEU B 159 0.36 21.99 23.02
CA LEU B 159 0.86 22.15 21.69
C LEU B 159 2.30 22.40 21.30
N VAL B 160 2.80 21.50 20.41
CA VAL B 160 4.16 21.55 19.80
C VAL B 160 3.95 22.35 18.49
N VAL B 161 4.72 23.38 18.20
CA VAL B 161 4.61 24.23 17.01
C VAL B 161 5.71 23.86 16.04
N GLY B 162 5.23 23.41 14.87
CA GLY B 162 6.18 22.95 13.82
C GLY B 162 6.00 23.58 12.45
N THR B 163 7.00 23.15 11.69
CA THR B 163 7.16 23.47 10.28
C THR B 163 7.93 22.39 9.52
N ILE B 164 7.73 22.59 8.24
CA ILE B 164 8.22 21.96 7.04
C ILE B 164 8.86 23.23 6.37
N ILE B 165 10.12 22.98 6.18
CA ILE B 165 11.03 23.93 5.57
C ILE B 165 10.68 24.17 4.10
N LYS B 166 10.59 25.44 3.73
CA LYS B 166 10.31 25.65 2.29
C LYS B 166 11.69 25.99 1.74
N PRO B 167 12.11 25.38 0.65
CA PRO B 167 11.35 24.42 -0.12
C PRO B 167 11.62 22.95 0.09
N LYS B 168 10.56 22.27 -0.32
CA LYS B 168 10.22 20.86 -0.41
C LYS B 168 11.46 20.08 -0.82
N LEU B 169 12.01 20.51 -1.93
CA LEU B 169 13.27 19.93 -2.45
C LEU B 169 13.99 21.12 -3.05
N GLY B 170 15.33 21.16 -2.91
CA GLY B 170 15.96 22.38 -3.54
C GLY B 170 17.11 22.98 -2.74
N LEU B 171 17.10 22.54 -1.49
CA LEU B 171 18.05 23.05 -0.56
C LEU B 171 19.25 22.13 -0.42
N ARG B 172 20.37 22.79 -0.58
CA ARG B 172 21.66 22.09 -0.40
C ARG B 172 21.75 21.89 1.11
N PRO B 173 22.75 21.13 1.57
CA PRO B 173 22.92 20.86 3.00
C PRO B 173 22.92 22.07 3.94
N LYS B 174 23.84 23.01 3.89
CA LYS B 174 24.03 24.23 4.68
C LYS B 174 22.82 25.10 4.73
N PRO B 175 22.43 25.68 3.60
CA PRO B 175 21.20 26.51 3.52
C PRO B 175 20.06 25.74 4.20
N PHE B 176 19.99 24.43 3.90
CA PHE B 176 18.96 23.61 4.53
C PHE B 176 19.15 23.82 6.06
N ALA B 177 20.30 23.41 6.53
CA ALA B 177 20.69 23.51 7.93
C ALA B 177 20.45 24.90 8.50
N GLU B 178 20.66 26.03 7.84
CA GLU B 178 20.41 27.40 8.33
C GLU B 178 18.96 27.90 8.22
N ALA B 179 18.17 27.11 7.45
CA ALA B 179 16.73 27.46 7.34
C ALA B 179 16.08 26.66 8.49
N CYS B 180 16.81 25.80 9.17
CA CYS B 180 16.41 24.96 10.29
C CYS B 180 16.61 25.76 11.60
N HIS B 181 17.66 26.56 11.61
CA HIS B 181 18.17 27.51 12.59
C HIS B 181 17.11 28.59 12.84
N ALA B 182 16.84 29.23 11.73
CA ALA B 182 15.88 30.28 11.50
C ALA B 182 14.50 29.95 12.05
N PHE B 183 14.04 28.75 12.32
CA PHE B 183 12.66 28.56 12.81
C PHE B 183 12.84 27.92 14.18
N TRP B 184 13.99 27.40 14.53
CA TRP B 184 14.05 26.82 15.89
C TRP B 184 14.07 27.92 16.98
N LEU B 185 14.32 29.11 16.55
CA LEU B 185 14.40 30.44 17.06
C LEU B 185 13.01 30.94 17.40
N GLY B 186 11.91 30.28 17.08
CA GLY B 186 10.57 30.69 17.41
C GLY B 186 9.59 29.54 17.67
N GLY B 187 9.77 28.41 17.00
CA GLY B 187 8.90 27.24 17.09
C GLY B 187 9.70 26.08 17.63
N ASP B 188 9.17 24.91 17.83
CA ASP B 188 9.87 23.79 18.41
C ASP B 188 10.18 22.53 17.59
N PHE B 189 9.48 22.50 16.48
CA PHE B 189 9.57 21.32 15.63
C PHE B 189 9.84 21.72 14.20
N ILE B 190 10.71 20.92 13.64
CA ILE B 190 11.06 20.98 12.23
C ILE B 190 10.84 19.53 11.72
N LYS B 191 10.13 19.47 10.52
CA LYS B 191 9.76 18.14 9.94
C LYS B 191 10.81 17.54 9.01
N ASN B 192 10.74 17.88 7.72
CA ASN B 192 11.52 17.28 6.61
C ASN B 192 10.30 16.86 5.72
N ASP B 193 10.29 17.40 4.51
CA ASP B 193 9.13 17.00 3.64
C ASP B 193 9.34 15.54 3.28
N GLU B 194 8.27 14.82 3.10
CA GLU B 194 8.13 13.41 2.72
C GLU B 194 9.25 12.87 1.87
N PRO B 195 9.60 13.42 0.72
CA PRO B 195 10.68 12.95 -0.10
C PRO B 195 12.13 13.13 0.32
N GLN B 196 12.50 14.17 1.10
CA GLN B 196 13.90 14.41 1.46
C GLN B 196 14.51 13.21 2.17
N GLY B 197 15.69 12.90 1.72
CA GLY B 197 16.53 11.83 2.20
C GLY B 197 17.93 12.13 1.67
N ASN B 198 18.41 11.33 0.72
CA ASN B 198 19.72 11.33 0.11
C ASN B 198 19.89 11.64 -1.35
N GLN B 199 19.27 12.69 -1.82
CA GLN B 199 19.38 13.16 -3.21
C GLN B 199 20.87 13.43 -3.45
N PRO B 200 21.25 13.54 -4.71
CA PRO B 200 22.64 13.81 -5.10
C PRO B 200 23.20 15.18 -4.69
N PHE B 201 22.36 16.16 -4.77
CA PHE B 201 22.31 17.58 -4.51
C PHE B 201 21.84 18.00 -3.10
N ALA B 202 21.90 17.13 -2.12
CA ALA B 202 21.47 17.31 -0.77
C ALA B 202 21.44 15.96 -0.06
N PRO B 203 22.59 15.36 0.02
CA PRO B 203 22.77 14.06 0.66
C PRO B 203 22.39 13.90 2.12
N LEU B 204 21.86 12.80 2.58
CA LEU B 204 21.42 12.45 3.95
C LEU B 204 22.56 12.57 4.94
N ARG B 205 23.62 11.86 4.71
CA ARG B 205 24.80 11.87 5.58
C ARG B 205 25.25 13.27 6.00
N ASP B 206 25.41 14.21 5.10
CA ASP B 206 25.86 15.58 5.20
C ASP B 206 24.79 16.62 5.56
N THR B 207 23.56 16.34 5.27
CA THR B 207 22.49 17.31 5.61
C THR B 207 22.26 16.99 7.08
N ILE B 208 21.95 15.75 7.44
CA ILE B 208 21.74 15.41 8.84
C ILE B 208 22.86 15.76 9.81
N ALA B 209 24.09 15.93 9.35
CA ALA B 209 25.22 16.28 10.23
C ALA B 209 24.99 17.78 10.51
N LEU B 210 24.80 18.55 9.46
CA LEU B 210 24.57 19.98 9.55
C LEU B 210 23.27 20.33 10.21
N VAL B 211 22.30 19.46 10.46
CA VAL B 211 21.04 19.94 11.07
C VAL B 211 21.09 19.83 12.60
N ALA B 212 21.81 18.83 13.00
CA ALA B 212 22.15 18.29 14.27
C ALA B 212 22.87 19.45 14.97
N ASP B 213 23.76 20.02 14.18
CA ASP B 213 24.61 21.15 14.54
C ASP B 213 23.69 22.36 14.71
N ALA B 214 23.14 22.87 13.63
CA ALA B 214 22.20 23.97 13.82
C ALA B 214 21.11 23.63 14.81
N MET B 215 20.97 22.65 15.59
CA MET B 215 20.00 22.24 16.60
C MET B 215 20.68 22.75 17.90
N ARG B 216 21.91 22.38 18.08
CA ARG B 216 22.76 22.80 19.18
C ARG B 216 22.89 24.32 19.22
N ARG B 217 23.24 25.00 18.13
CA ARG B 217 23.31 26.46 18.17
C ARG B 217 21.91 26.98 18.49
N ALA B 218 20.78 26.63 17.90
CA ALA B 218 19.46 27.16 18.22
C ALA B 218 18.97 26.80 19.61
N GLN B 219 19.43 25.74 20.21
CA GLN B 219 19.05 25.34 21.58
C GLN B 219 19.65 26.39 22.55
N ASP B 220 20.92 26.63 22.32
CA ASP B 220 21.84 27.53 22.98
C ASP B 220 21.41 28.97 23.01
N GLU B 221 21.05 29.59 21.94
CA GLU B 221 20.62 30.98 21.87
C GLU B 221 19.24 31.19 22.43
N THR B 222 18.45 30.15 22.58
CA THR B 222 17.04 30.15 23.01
C THR B 222 16.74 29.51 24.34
N GLY B 223 17.68 28.76 24.86
CA GLY B 223 17.54 28.06 26.15
C GLY B 223 16.64 26.86 26.18
N GLU B 224 15.67 26.84 25.31
CA GLU B 224 14.60 25.93 24.94
C GLU B 224 14.97 24.73 24.07
N ALA B 225 14.40 23.54 24.36
CA ALA B 225 14.73 22.34 23.54
C ALA B 225 13.89 22.38 22.27
N LYS B 226 14.57 21.75 21.32
CA LYS B 226 14.05 21.63 19.90
C LYS B 226 13.84 20.19 19.46
N LEU B 227 12.91 20.01 18.56
CA LEU B 227 12.55 18.67 17.96
C LEU B 227 12.64 18.49 16.44
N PHE B 228 13.44 17.58 15.96
CA PHE B 228 13.48 17.34 14.46
C PHE B 228 12.93 15.99 13.93
N SER B 229 12.12 15.99 12.82
CA SER B 229 11.68 14.63 12.31
C SER B 229 12.58 14.08 11.18
N ALA B 230 13.40 13.05 11.30
CA ALA B 230 14.23 12.63 10.15
C ALA B 230 13.52 11.54 9.36
N ASN B 231 13.25 11.81 8.11
CA ASN B 231 12.62 10.90 7.14
C ASN B 231 13.57 9.72 6.93
N ILE B 232 13.27 8.50 7.40
CA ILE B 232 14.13 7.31 7.25
C ILE B 232 13.44 6.17 6.42
N THR B 233 12.51 6.57 5.57
CA THR B 233 11.70 5.76 4.66
C THR B 233 12.73 5.11 3.72
N ALA B 234 12.60 3.79 3.64
CA ALA B 234 13.41 2.91 2.79
C ALA B 234 12.41 1.86 2.35
N ASP B 235 12.84 1.04 1.43
CA ASP B 235 12.21 -0.12 0.78
C ASP B 235 13.00 -1.24 1.55
N ASP B 236 14.31 -1.18 1.38
CA ASP B 236 15.06 -2.18 2.11
C ASP B 236 14.92 -1.87 3.60
N PRO B 237 14.38 -2.81 4.35
CA PRO B 237 14.27 -2.63 5.81
C PRO B 237 15.63 -2.54 6.44
N PHE B 238 16.78 -2.62 5.81
CA PHE B 238 18.05 -2.50 6.55
C PHE B 238 18.76 -1.15 6.30
N GLU B 239 18.15 -0.32 5.52
CA GLU B 239 18.54 1.02 5.11
C GLU B 239 17.73 1.97 6.00
N ILE B 240 16.54 1.45 6.27
CA ILE B 240 15.57 2.07 7.17
C ILE B 240 16.34 2.09 8.52
N ILE B 241 16.86 0.94 8.90
CA ILE B 241 17.64 0.85 10.12
C ILE B 241 18.92 1.66 10.00
N ALA B 242 19.74 1.67 8.99
CA ALA B 242 20.99 2.38 8.76
C ALA B 242 20.84 3.89 8.56
N ARG B 243 19.64 4.30 8.39
CA ARG B 243 19.26 5.72 8.25
C ARG B 243 19.07 6.08 9.75
N GLY B 244 18.03 5.72 10.43
CA GLY B 244 17.68 5.85 11.82
C GLY B 244 18.91 5.70 12.68
N GLU B 245 19.69 4.64 12.65
CA GLU B 245 20.89 4.46 13.48
C GLU B 245 21.88 5.59 13.13
N TYR B 246 21.91 6.04 11.88
CA TYR B 246 22.82 7.12 11.43
C TYR B 246 22.36 8.35 12.25
N VAL B 247 21.31 8.98 11.84
CA VAL B 247 20.59 10.11 12.31
C VAL B 247 20.59 10.22 13.83
N LEU B 248 20.33 9.12 14.51
CA LEU B 248 20.26 9.13 15.97
C LEU B 248 21.67 9.15 16.54
N GLU B 249 22.66 8.65 15.85
CA GLU B 249 23.98 8.68 16.54
C GLU B 249 24.74 9.94 16.18
N THR B 250 24.25 10.68 15.24
CA THR B 250 24.79 11.94 14.71
C THR B 250 24.15 13.10 15.49
N PHE B 251 23.00 12.83 16.14
CA PHE B 251 22.28 13.79 16.95
C PHE B 251 22.93 13.74 18.34
N GLY B 252 23.64 12.67 18.56
CA GLY B 252 24.36 12.36 19.80
C GLY B 252 23.28 12.37 20.88
N GLU B 253 23.59 13.14 21.87
CA GLU B 253 22.93 13.52 23.13
C GLU B 253 21.57 14.15 22.85
N ASN B 254 21.43 14.66 21.64
CA ASN B 254 20.27 15.26 21.02
C ASN B 254 19.29 14.24 20.38
N ALA B 255 19.62 12.95 20.41
CA ALA B 255 18.90 11.77 19.92
C ALA B 255 17.44 11.65 20.35
N SER B 256 17.10 12.05 21.58
CA SER B 256 15.75 12.04 22.14
C SER B 256 14.85 13.07 21.50
N HIS B 257 15.51 14.00 20.88
CA HIS B 257 14.82 15.10 20.22
C HIS B 257 14.46 14.77 18.79
N VAL B 258 14.83 13.61 18.30
CA VAL B 258 14.48 13.32 16.90
C VAL B 258 13.23 12.44 16.84
N ALA B 259 12.47 12.75 15.83
CA ALA B 259 11.27 11.88 15.63
C ALA B 259 11.62 11.25 14.26
N LEU B 260 11.41 9.99 14.03
CA LEU B 260 11.60 9.19 12.79
C LEU B 260 10.38 9.28 11.87
N LEU B 261 10.58 9.78 10.65
CA LEU B 261 9.48 9.92 9.67
C LEU B 261 9.64 8.77 8.66
N VAL B 262 8.48 8.11 8.63
CA VAL B 262 8.03 6.96 7.82
C VAL B 262 6.66 7.32 7.21
N ASP B 263 6.65 7.16 5.86
CA ASP B 263 5.46 7.43 5.00
C ASP B 263 5.00 5.99 4.72
N GLY B 264 4.30 5.51 5.72
CA GLY B 264 3.80 4.17 5.87
C GLY B 264 2.67 3.75 4.99
N TYR B 265 2.15 4.66 4.18
CA TYR B 265 1.06 4.42 3.23
C TYR B 265 1.72 3.87 1.96
N VAL B 266 2.69 4.59 1.44
CA VAL B 266 3.40 4.20 0.23
C VAL B 266 4.63 3.32 0.38
N ALA B 267 5.00 2.63 1.41
CA ALA B 267 6.15 1.79 1.64
C ALA B 267 5.77 0.54 2.42
N GLY B 268 4.62 0.64 3.03
CA GLY B 268 3.97 -0.38 3.85
C GLY B 268 4.25 -0.73 5.27
N ALA B 269 3.18 -1.34 5.81
CA ALA B 269 3.19 -1.81 7.19
C ALA B 269 4.48 -2.41 7.63
N ALA B 270 5.50 -2.74 6.92
CA ALA B 270 6.79 -3.32 7.23
C ALA B 270 7.82 -2.17 7.34
N ALA B 271 7.53 -1.00 6.73
CA ALA B 271 8.51 0.11 6.94
C ALA B 271 8.22 0.53 8.42
N ILE B 272 6.97 0.88 8.66
CA ILE B 272 6.44 1.18 9.96
C ILE B 272 6.74 0.21 11.10
N THR B 273 6.70 -1.06 10.86
CA THR B 273 6.92 -2.17 11.84
C THR B 273 8.42 -2.37 12.03
N THR B 274 9.19 -1.63 11.24
CA THR B 274 10.66 -1.66 11.37
C THR B 274 11.10 -0.53 12.32
N ALA B 275 10.53 0.63 12.18
CA ALA B 275 10.64 1.88 12.84
C ALA B 275 10.37 1.65 14.33
N ARG B 276 9.19 1.08 14.56
CA ARG B 276 8.60 0.68 15.86
C ARG B 276 9.44 -0.49 16.17
N ARG B 277 9.05 -1.67 16.52
CA ARG B 277 9.97 -2.83 16.76
C ARG B 277 11.46 -2.54 16.84
N ARG B 278 12.27 -1.88 16.08
CA ARG B 278 13.69 -1.56 16.14
C ARG B 278 14.01 -0.28 16.96
N PHE B 279 13.29 0.82 16.77
CA PHE B 279 13.45 2.06 17.50
C PHE B 279 12.16 2.26 18.27
N PRO B 280 11.86 1.62 19.38
CA PRO B 280 10.65 1.78 20.16
C PRO B 280 10.59 2.99 21.08
N ASP B 281 11.75 3.51 21.39
CA ASP B 281 12.13 4.67 22.21
C ASP B 281 11.74 5.95 21.44
N ASN B 282 12.15 6.06 20.21
CA ASN B 282 11.86 7.18 19.31
C ASN B 282 10.43 7.38 18.95
N PHE B 283 9.99 8.54 18.54
CA PHE B 283 8.62 8.93 18.19
C PHE B 283 8.42 8.47 16.75
N LEU B 284 7.56 7.60 16.38
CA LEU B 284 7.34 7.11 15.00
C LEU B 284 6.25 7.94 14.31
N HIS B 285 6.79 8.87 13.55
CA HIS B 285 5.89 9.80 12.87
C HIS B 285 5.32 9.14 11.65
N TYR B 286 4.01 8.99 11.59
CA TYR B 286 3.48 8.38 10.38
C TYR B 286 2.90 9.41 9.45
N HIS B 287 3.76 9.72 8.53
CA HIS B 287 3.29 10.63 7.46
C HIS B 287 2.60 9.61 6.52
N ARG B 288 1.45 9.88 5.97
CA ARG B 288 0.52 9.25 5.06
C ARG B 288 0.90 9.19 3.56
N ALA B 289 0.59 10.19 2.79
CA ALA B 289 0.88 10.40 1.38
C ALA B 289 -0.35 10.21 0.52
N GLY B 290 -0.26 9.28 -0.43
CA GLY B 290 -1.36 8.94 -1.36
C GLY B 290 -2.43 8.07 -0.70
N HIS B 291 -2.87 8.55 0.47
CA HIS B 291 -3.87 7.88 1.31
C HIS B 291 -5.22 8.05 0.62
N GLY B 292 -5.26 9.09 -0.19
CA GLY B 292 -6.33 9.52 -1.02
C GLY B 292 -6.55 8.62 -2.22
N ALA B 293 -5.66 7.71 -2.52
CA ALA B 293 -5.85 6.76 -3.64
C ALA B 293 -7.19 6.04 -3.33
N VAL B 294 -7.13 5.50 -2.12
CA VAL B 294 -8.16 4.72 -1.44
C VAL B 294 -8.92 5.34 -0.28
N THR B 295 -8.55 6.42 0.39
CA THR B 295 -9.35 6.96 1.52
C THR B 295 -10.21 8.16 1.11
N SER B 296 -10.01 8.73 -0.06
CA SER B 296 -10.84 9.88 -0.47
C SER B 296 -12.30 9.48 -0.50
N PRO B 297 -13.09 10.49 -0.15
CA PRO B 297 -14.56 10.32 -0.08
C PRO B 297 -15.17 9.91 -1.40
N GLN B 298 -14.54 10.26 -2.48
CA GLN B 298 -14.87 10.01 -3.88
C GLN B 298 -14.67 8.52 -4.21
N SER B 299 -13.51 8.01 -3.83
CA SER B 299 -13.20 6.59 -4.06
C SER B 299 -14.20 5.87 -3.18
N LYS B 300 -14.99 4.98 -3.73
CA LYS B 300 -16.03 4.28 -2.97
C LYS B 300 -15.56 2.92 -2.51
N ARG B 301 -14.29 2.66 -2.75
CA ARG B 301 -13.74 1.33 -2.39
C ARG B 301 -12.55 1.52 -1.46
N GLY B 302 -12.21 0.49 -0.72
CA GLY B 302 -11.11 0.49 0.23
C GLY B 302 -11.61 0.74 1.64
N TYR B 303 -11.05 1.78 2.24
CA TYR B 303 -11.37 2.25 3.59
C TYR B 303 -11.41 3.76 3.78
N THR B 304 -12.02 4.17 4.87
CA THR B 304 -12.06 5.65 5.14
C THR B 304 -10.82 6.02 5.96
N ALA B 305 -10.71 7.38 6.14
CA ALA B 305 -9.54 7.92 6.95
C ALA B 305 -9.66 7.40 8.38
N PHE B 306 -10.86 7.34 8.89
CA PHE B 306 -11.15 6.77 10.21
C PHE B 306 -10.32 5.48 10.34
N VAL B 307 -10.76 4.53 9.52
CA VAL B 307 -10.10 3.20 9.43
C VAL B 307 -8.65 3.48 9.14
N HIS B 308 -8.15 4.31 8.25
CA HIS B 308 -6.65 4.41 8.18
C HIS B 308 -5.97 4.76 9.52
N CYS B 309 -6.44 5.77 10.24
CA CYS B 309 -5.88 6.20 11.53
C CYS B 309 -6.09 5.13 12.62
N LYS B 310 -7.28 4.56 12.78
CA LYS B 310 -7.50 3.53 13.78
C LYS B 310 -6.56 2.34 13.72
N MET B 311 -6.13 1.96 12.50
CA MET B 311 -5.27 0.79 12.29
C MET B 311 -3.85 1.04 12.75
N ALA B 312 -3.59 2.31 12.56
CA ALA B 312 -2.31 2.98 12.93
C ALA B 312 -1.95 2.94 14.41
N ARG B 313 -3.05 3.12 15.18
CA ARG B 313 -2.90 3.07 16.66
C ARG B 313 -2.36 1.69 17.02
N LEU B 314 -3.02 0.67 16.48
CA LEU B 314 -2.70 -0.78 16.61
C LEU B 314 -1.34 -1.15 16.06
N GLN B 315 -1.01 -0.63 14.87
CA GLN B 315 0.30 -0.95 14.27
C GLN B 315 1.37 -0.49 15.23
N GLY B 316 1.12 0.77 15.64
CA GLY B 316 2.04 1.38 16.59
C GLY B 316 2.79 2.67 16.40
N ALA B 317 2.13 3.51 15.68
CA ALA B 317 2.46 4.87 15.23
C ALA B 317 2.16 5.85 16.41
N SER B 318 3.26 6.58 16.73
CA SER B 318 3.23 7.54 17.86
C SER B 318 2.43 8.75 17.47
N GLY B 319 2.44 9.08 16.20
CA GLY B 319 1.67 10.23 15.70
C GLY B 319 1.45 9.98 14.20
N ILE B 320 0.38 10.57 13.73
CA ILE B 320 -0.10 10.49 12.37
C ILE B 320 -0.80 11.76 11.96
N HIS B 321 -0.54 12.18 10.74
CA HIS B 321 -1.14 13.39 10.15
C HIS B 321 -2.65 13.24 10.23
N THR B 322 -3.43 14.29 10.20
CA THR B 322 -4.88 14.40 10.29
C THR B 322 -5.20 15.71 9.55
N GLY B 323 -6.19 16.41 9.99
CA GLY B 323 -6.64 17.69 9.48
C GLY B 323 -6.05 18.06 8.12
N THR B 324 -7.00 18.20 7.19
CA THR B 324 -6.79 18.49 5.78
C THR B 324 -7.31 19.86 5.33
N MET B 325 -6.40 20.82 5.36
CA MET B 325 -6.67 22.20 4.94
C MET B 325 -5.67 22.72 3.89
N GLY B 326 -6.25 23.56 3.05
CA GLY B 326 -5.62 24.28 1.92
C GLY B 326 -6.74 24.69 0.95
N PHE B 327 -7.89 24.58 1.53
CA PHE B 327 -9.29 24.77 1.15
C PHE B 327 -9.87 23.61 2.02
N GLY B 328 -11.17 23.43 2.06
CA GLY B 328 -11.66 22.31 2.90
C GLY B 328 -12.93 22.53 3.70
N LYS B 329 -13.41 23.76 3.75
CA LYS B 329 -14.61 24.25 4.46
C LYS B 329 -15.20 25.52 3.80
N MET B 330 -16.49 25.67 3.64
CA MET B 330 -17.30 26.77 3.11
C MET B 330 -18.72 26.32 2.70
N GLU B 331 -19.04 25.15 3.18
CA GLU B 331 -20.29 24.38 3.11
C GLU B 331 -20.19 23.43 4.34
N GLY B 332 -21.29 23.15 5.01
CA GLY B 332 -21.22 22.23 6.18
C GLY B 332 -20.80 20.80 5.77
N GLU B 333 -19.83 20.25 6.52
CA GLU B 333 -19.22 18.91 6.40
C GLU B 333 -19.64 17.91 7.47
N SER B 334 -19.04 16.74 7.65
CA SER B 334 -19.35 15.66 8.62
C SER B 334 -18.28 14.60 8.98
N SER B 335 -18.58 13.66 9.82
CA SER B 335 -18.33 12.50 10.61
C SER B 335 -16.99 11.78 10.85
N ASP B 336 -15.87 12.42 10.60
CA ASP B 336 -14.46 12.05 10.76
C ASP B 336 -13.80 12.92 11.87
N ARG B 337 -14.67 13.20 12.82
CA ARG B 337 -14.47 14.01 14.04
C ARG B 337 -13.97 13.04 15.12
N ALA B 338 -14.63 11.89 15.08
CA ALA B 338 -14.32 10.77 15.95
C ALA B 338 -12.93 10.23 15.68
N ILE B 339 -12.11 10.74 14.77
CA ILE B 339 -10.76 10.25 14.48
C ILE B 339 -9.85 10.44 15.69
N ALA B 340 -10.14 11.60 16.25
CA ALA B 340 -9.60 12.27 17.40
C ALA B 340 -9.79 11.47 18.69
N TYR B 341 -11.05 11.21 19.05
CA TYR B 341 -11.22 10.48 20.33
C TYR B 341 -10.85 9.01 20.20
N MET B 342 -10.87 8.50 18.97
CA MET B 342 -10.49 7.12 18.71
C MET B 342 -9.00 7.05 18.80
N LEU B 343 -8.26 8.05 18.33
CA LEU B 343 -6.78 8.01 18.42
C LEU B 343 -6.20 8.16 19.82
N THR B 344 -6.86 8.94 20.66
CA THR B 344 -6.41 9.25 22.04
C THR B 344 -7.16 8.78 23.25
N GLN B 345 -8.48 8.69 23.24
CA GLN B 345 -9.26 8.20 24.38
C GLN B 345 -9.01 6.69 24.52
N ASP B 346 -9.34 6.04 25.63
CA ASP B 346 -9.15 4.63 25.93
C ASP B 346 -10.47 3.89 25.72
N GLU B 347 -11.52 4.56 25.41
CA GLU B 347 -12.79 3.85 25.18
C GLU B 347 -13.59 4.85 24.35
N ALA B 348 -13.90 4.54 23.08
CA ALA B 348 -14.67 5.53 22.32
C ALA B 348 -15.70 4.97 21.34
N GLN B 349 -16.59 5.78 20.83
CA GLN B 349 -17.62 5.39 19.92
C GLN B 349 -17.20 5.59 18.47
N GLY B 350 -16.90 4.47 17.81
CA GLY B 350 -16.55 4.62 16.36
C GLY B 350 -17.97 4.80 15.77
N PRO B 351 -18.03 4.98 14.45
CA PRO B 351 -19.28 5.12 13.71
C PRO B 351 -20.30 3.97 13.75
N PHE B 352 -19.94 2.77 14.17
CA PHE B 352 -20.74 1.53 14.29
C PHE B 352 -20.49 0.73 15.59
N TYR B 353 -19.25 0.81 16.03
CA TYR B 353 -18.82 0.11 17.21
C TYR B 353 -18.04 1.01 18.20
N ARG B 354 -18.33 0.69 19.47
CA ARG B 354 -17.64 1.40 20.55
C ARG B 354 -16.40 0.50 20.66
N GLN B 355 -15.23 1.08 20.61
CA GLN B 355 -13.94 0.39 20.78
C GLN B 355 -13.51 0.63 22.24
N SER B 356 -12.66 -0.15 22.82
CA SER B 356 -12.03 -0.19 24.09
C SER B 356 -10.56 -0.63 23.75
N TRP B 357 -9.69 0.27 24.18
CA TRP B 357 -8.28 -0.06 23.94
C TRP B 357 -7.57 -0.60 25.15
N GLY B 358 -8.21 -0.88 26.28
CA GLY B 358 -7.62 -1.43 27.50
C GLY B 358 -6.28 -0.90 27.93
N GLY B 359 -5.94 0.40 27.91
CA GLY B 359 -4.60 0.80 28.34
C GLY B 359 -3.57 0.80 27.26
N MET B 360 -4.06 0.98 26.06
CA MET B 360 -3.20 0.98 24.86
C MET B 360 -3.17 2.47 24.47
N LYS B 361 -1.89 2.89 24.49
CA LYS B 361 -1.48 4.28 24.24
C LYS B 361 -2.09 5.05 23.11
N ALA B 362 -2.35 6.31 23.32
CA ALA B 362 -2.91 7.18 22.29
C ALA B 362 -1.70 7.27 21.35
N CYS B 363 -2.00 7.69 20.19
CA CYS B 363 -1.27 7.94 18.93
C CYS B 363 -1.78 9.37 18.80
N THR B 364 -0.99 10.37 18.47
CA THR B 364 -1.51 11.72 18.42
C THR B 364 -1.87 12.37 17.11
N PRO B 365 -2.93 13.21 17.08
CA PRO B 365 -3.20 13.94 15.85
C PRO B 365 -2.03 14.86 15.47
N ILE B 366 -1.48 14.66 14.26
CA ILE B 366 -0.42 15.55 13.73
C ILE B 366 -1.22 16.54 12.88
N ILE B 367 -1.54 17.76 13.17
CA ILE B 367 -2.34 18.71 12.39
C ILE B 367 -1.52 19.55 11.44
N SER B 368 -2.19 19.80 10.34
CA SER B 368 -1.79 20.52 9.13
C SER B 368 -2.79 21.56 8.60
N GLY B 369 -2.12 22.44 7.84
CA GLY B 369 -2.80 23.57 7.19
C GLY B 369 -2.19 24.88 7.69
N GLY B 370 -2.76 25.89 7.08
CA GLY B 370 -2.58 27.32 7.16
C GLY B 370 -3.64 27.97 8.09
N MET B 371 -3.74 27.26 9.20
CA MET B 371 -4.59 27.64 10.33
C MET B 371 -3.54 28.53 11.03
N ASN B 372 -3.82 29.77 11.23
CA ASN B 372 -3.00 30.81 11.84
C ASN B 372 -3.29 31.01 13.32
N ALA B 373 -2.49 31.58 14.19
CA ALA B 373 -2.93 31.73 15.59
C ALA B 373 -4.30 32.35 15.80
N LEU B 374 -5.13 32.84 14.93
CA LEU B 374 -6.42 33.45 15.24
C LEU B 374 -7.58 32.47 15.14
N ARG B 375 -7.27 31.47 14.33
CA ARG B 375 -8.23 30.38 14.01
C ARG B 375 -8.09 29.40 15.18
N MET B 376 -6.90 29.10 15.56
CA MET B 376 -6.55 28.19 16.65
C MET B 376 -7.30 28.34 17.93
N PRO B 377 -7.38 29.37 18.75
CA PRO B 377 -8.18 29.45 19.97
C PRO B 377 -9.45 28.62 19.91
N GLY B 378 -10.24 28.76 18.85
CA GLY B 378 -11.48 28.08 18.54
C GLY B 378 -11.45 26.59 18.23
N PHE B 379 -10.37 26.08 17.68
CA PHE B 379 -10.16 24.69 17.30
C PHE B 379 -9.82 23.89 18.54
N PHE B 380 -9.18 24.45 19.52
CA PHE B 380 -8.81 23.88 20.82
C PHE B 380 -10.05 23.78 21.70
N GLU B 381 -11.14 24.40 21.47
CA GLU B 381 -12.39 24.39 22.20
C GLU B 381 -13.30 23.23 21.77
N ASN B 382 -13.54 23.09 20.47
CA ASN B 382 -14.35 22.03 19.84
C ASN B 382 -13.73 20.66 20.11
N LEU B 383 -12.44 20.52 19.88
CA LEU B 383 -11.71 19.27 20.12
C LEU B 383 -11.72 18.99 21.61
N GLY B 384 -11.49 20.09 22.34
CA GLY B 384 -11.44 20.19 23.77
C GLY B 384 -10.15 20.38 24.50
N ASN B 385 -8.98 19.95 24.08
CA ASN B 385 -7.68 20.08 24.72
C ASN B 385 -6.76 20.70 23.65
N ALA B 386 -5.47 20.76 23.84
CA ALA B 386 -4.59 21.34 22.81
C ALA B 386 -3.31 20.55 22.63
N ASN B 387 -3.33 19.28 22.83
CA ASN B 387 -2.42 18.16 22.82
C ASN B 387 -2.19 17.48 21.46
N VAL B 388 -1.64 18.20 20.54
CA VAL B 388 -1.48 17.71 19.15
C VAL B 388 -0.24 18.43 18.70
N ILE B 389 0.43 17.93 17.71
CA ILE B 389 1.61 18.54 17.11
C ILE B 389 0.99 19.33 15.99
N LEU B 390 1.50 20.46 15.67
CA LEU B 390 1.02 21.35 14.62
C LEU B 390 2.30 21.64 13.82
N THR B 391 2.09 21.60 12.54
CA THR B 391 2.83 21.72 11.29
C THR B 391 2.10 22.75 10.46
N ALA B 392 2.75 23.89 10.28
CA ALA B 392 2.13 25.02 9.59
C ALA B 392 2.93 25.44 8.36
N GLY B 393 2.26 26.29 7.65
CA GLY B 393 2.66 26.92 6.41
C GLY B 393 1.94 28.28 6.48
N GLY B 394 0.65 28.35 6.30
CA GLY B 394 -0.08 29.60 6.40
C GLY B 394 0.01 30.47 7.63
N GLY B 395 0.06 29.97 8.85
CA GLY B 395 0.13 30.74 10.08
C GLY B 395 1.52 31.30 10.36
N ALA B 396 2.54 30.57 9.96
CA ALA B 396 3.95 30.95 10.14
C ALA B 396 4.35 31.93 9.05
N PHE B 397 4.36 31.49 7.82
CA PHE B 397 4.68 32.21 6.58
C PHE B 397 3.65 33.30 6.23
N GLY B 398 2.48 33.25 6.86
CA GLY B 398 1.40 34.20 6.65
C GLY B 398 1.67 35.54 7.33
N HIS B 399 2.19 35.42 8.53
CA HIS B 399 2.53 36.58 9.35
C HIS B 399 3.56 37.41 8.55
N ILE B 400 3.26 38.69 8.63
CA ILE B 400 3.99 39.79 8.06
C ILE B 400 5.40 39.96 8.60
N ASP B 401 5.82 39.31 9.66
CA ASP B 401 7.21 39.51 10.14
C ASP B 401 7.95 38.20 9.95
N GLY B 402 7.27 37.37 9.19
CA GLY B 402 7.51 36.05 8.69
C GLY B 402 7.67 34.94 9.68
N PRO B 403 8.58 34.04 9.38
CA PRO B 403 8.92 32.85 10.17
C PRO B 403 8.94 32.86 11.67
N VAL B 404 9.97 33.26 12.38
CA VAL B 404 9.98 33.25 13.87
C VAL B 404 8.74 33.88 14.49
N ALA B 405 8.22 34.95 13.91
CA ALA B 405 7.03 35.61 14.41
C ALA B 405 5.76 34.82 14.19
N GLY B 406 5.62 34.17 13.05
CA GLY B 406 4.37 33.42 12.82
C GLY B 406 4.25 32.35 13.89
N ALA B 407 5.35 31.67 14.13
CA ALA B 407 5.59 30.61 15.06
C ALA B 407 5.34 31.07 16.47
N ARG B 408 5.82 32.31 16.73
CA ARG B 408 5.64 32.92 18.07
C ARG B 408 4.18 33.27 18.25
N SER B 409 3.50 33.76 17.22
CA SER B 409 2.08 34.11 17.35
C SER B 409 1.27 32.87 17.76
N LEU B 410 1.55 31.69 17.24
CA LEU B 410 0.97 30.39 17.44
C LEU B 410 1.19 29.80 18.82
N ARG B 411 2.37 29.83 19.38
CA ARG B 411 2.56 29.40 20.77
C ARG B 411 1.81 30.53 21.56
N GLN B 412 1.94 31.81 21.13
CA GLN B 412 1.12 32.78 21.86
C GLN B 412 -0.35 32.39 21.70
N ALA B 413 -1.06 32.10 20.63
CA ALA B 413 -2.49 31.79 20.68
C ALA B 413 -2.77 30.60 21.62
N TRP B 414 -1.86 29.68 21.88
CA TRP B 414 -2.21 28.57 22.80
C TRP B 414 -2.27 29.02 24.27
N GLN B 415 -1.20 29.64 24.81
CA GLN B 415 -1.11 30.17 26.21
C GLN B 415 -2.44 30.89 26.50
N ALA B 416 -2.78 31.91 25.71
CA ALA B 416 -4.07 32.56 25.88
C ALA B 416 -5.12 31.49 26.17
N TRP B 417 -5.19 30.43 25.35
CA TRP B 417 -6.23 29.39 25.58
C TRP B 417 -6.10 28.52 26.83
N ARG B 418 -4.92 28.07 27.18
CA ARG B 418 -4.62 27.21 28.33
C ARG B 418 -4.90 27.87 29.69
N ASP B 419 -4.43 29.11 29.66
CA ASP B 419 -4.46 30.07 30.77
C ASP B 419 -5.81 30.75 30.80
N GLY B 420 -6.79 30.38 30.02
CA GLY B 420 -8.11 31.00 30.06
C GLY B 420 -8.24 32.44 29.73
N VAL B 421 -7.35 33.22 29.18
CA VAL B 421 -7.34 34.63 28.79
C VAL B 421 -7.66 34.83 27.29
N PRO B 422 -8.66 35.68 26.99
CA PRO B 422 -9.17 35.89 25.66
C PRO B 422 -8.54 36.44 24.42
N VAL B 423 -7.43 35.97 23.94
CA VAL B 423 -6.83 36.45 22.70
C VAL B 423 -6.75 37.93 22.38
N LEU B 424 -7.79 38.73 22.35
CA LEU B 424 -7.86 40.17 22.04
C LEU B 424 -7.03 41.03 22.99
N ASP B 425 -7.14 40.64 24.24
CA ASP B 425 -6.48 41.18 25.44
C ASP B 425 -5.00 40.76 25.48
N TYR B 426 -4.87 39.44 25.34
CA TYR B 426 -3.49 38.86 25.35
C TYR B 426 -2.80 39.46 24.14
N ALA B 427 -3.50 39.75 23.05
CA ALA B 427 -2.91 40.38 21.85
C ALA B 427 -2.09 41.58 22.35
N ARG B 428 -2.68 42.38 23.23
CA ARG B 428 -2.14 43.54 23.93
C ARG B 428 -1.07 43.10 24.94
N GLU B 429 0.19 43.13 24.56
CA GLU B 429 1.30 42.73 25.39
C GLU B 429 2.45 42.02 24.68
N HIS B 430 2.09 41.06 23.85
CA HIS B 430 2.95 40.22 22.98
C HIS B 430 2.59 40.67 21.56
N LYS B 431 3.54 41.34 20.94
CA LYS B 431 3.35 41.95 19.60
C LYS B 431 2.94 40.96 18.51
N GLU B 432 3.66 39.88 18.43
CA GLU B 432 3.56 38.72 17.53
C GLU B 432 2.13 38.23 17.40
N LEU B 433 1.53 37.93 18.56
CA LEU B 433 0.13 37.55 18.52
C LEU B 433 -0.58 38.76 17.92
N ALA B 434 -0.70 39.88 18.57
CA ALA B 434 -1.42 41.04 18.04
C ALA B 434 -1.13 41.45 16.61
N ARG B 435 -0.01 41.05 16.06
CA ARG B 435 0.35 41.38 14.66
C ARG B 435 -0.14 40.22 13.75
N ALA B 436 -0.66 39.19 14.42
CA ALA B 436 -1.25 38.02 13.77
C ALA B 436 -2.56 38.55 13.16
N PHE B 437 -3.26 39.41 13.91
CA PHE B 437 -4.52 40.01 13.44
C PHE B 437 -4.24 41.00 12.30
N GLU B 438 -3.06 41.60 12.24
CA GLU B 438 -2.72 42.56 11.17
C GLU B 438 -2.31 41.85 9.88
N SER B 439 -1.85 40.65 10.08
CA SER B 439 -1.40 39.64 9.13
C SER B 439 -2.51 39.09 8.23
N PHE B 440 -3.53 38.51 8.79
CA PHE B 440 -4.71 37.89 8.14
C PHE B 440 -6.02 38.68 8.43
N PRO B 441 -6.21 39.77 7.72
CA PRO B 441 -7.35 40.64 7.89
C PRO B 441 -8.77 40.17 7.89
N GLY B 442 -9.21 39.44 6.92
CA GLY B 442 -10.61 38.98 6.79
C GLY B 442 -10.98 37.85 7.72
N ASP B 443 -9.92 37.24 8.21
CA ASP B 443 -9.89 36.13 9.18
C ASP B 443 -10.03 36.81 10.55
N ALA B 444 -9.49 38.02 10.63
CA ALA B 444 -9.50 38.87 11.83
C ALA B 444 -10.95 39.31 12.05
N ASP B 445 -11.48 40.23 11.30
CA ASP B 445 -12.80 40.83 11.28
C ASP B 445 -14.04 39.93 11.32
N GLN B 446 -14.09 38.75 11.85
CA GLN B 446 -15.26 37.89 11.92
C GLN B 446 -15.04 36.85 13.03
N ILE B 447 -13.78 36.68 13.39
CA ILE B 447 -13.42 35.73 14.46
C ILE B 447 -13.41 36.60 15.73
N TYR B 448 -12.83 37.77 15.50
CA TYR B 448 -12.60 38.82 16.48
C TYR B 448 -12.99 40.17 15.92
N PRO B 449 -14.29 40.44 15.90
CA PRO B 449 -14.91 41.67 15.39
C PRO B 449 -14.53 43.02 15.99
N GLY B 450 -14.17 43.97 15.14
CA GLY B 450 -13.73 45.34 15.44
C GLY B 450 -12.58 45.24 16.46
N TRP B 451 -11.56 44.53 16.03
CA TRP B 451 -10.32 44.19 16.68
C TRP B 451 -9.36 45.36 16.74
N ARG B 452 -9.47 46.18 15.73
CA ARG B 452 -8.80 47.40 15.32
C ARG B 452 -8.58 48.38 16.46
N LYS B 453 -9.69 48.87 16.94
CA LYS B 453 -9.94 49.82 18.01
C LYS B 453 -9.21 49.40 19.29
N ALA B 454 -9.35 48.11 19.53
CA ALA B 454 -8.82 47.39 20.66
C ALA B 454 -7.34 47.03 20.62
N LEU B 455 -6.81 46.89 19.41
CA LEU B 455 -5.39 46.51 19.23
C LEU B 455 -4.47 47.72 19.17
N GLY B 456 -5.05 48.85 18.76
CA GLY B 456 -4.28 50.10 18.73
C GLY B 456 -4.29 50.78 17.38
N VAL B 457 -5.06 50.16 16.50
CA VAL B 457 -5.15 50.70 15.16
C VAL B 457 -6.52 50.51 14.46
N GLU B 458 -6.49 51.46 13.52
CA GLU B 458 -7.49 52.05 12.64
C GLU B 458 -8.90 51.57 12.98
N ASP B 459 -9.81 52.39 12.52
CA ASP B 459 -11.26 52.39 12.65
C ASP B 459 -11.77 53.43 11.63
C1 RUB C . -9.35 -17.60 -7.03
C2 RUB C . -8.08 -17.13 -6.21
C3 RUB C . -6.86 -16.51 -7.04
C4 RUB C . -6.51 -15.00 -6.72
C5 RUB C . -6.25 -14.15 -8.07
O1 RUB C . -8.63 -18.51 -7.89
O2 RUB C . -8.09 -17.28 -4.98
O3 RUB C . -5.66 -17.21 -6.79
O4 RUB C . -7.59 -14.38 -6.03
O5 RUB C . -4.87 -14.30 -8.65
P1 RUB C . -8.98 -18.73 -9.47
P2 RUB C . -4.40 -13.43 -10.03
O1P RUB C . -10.46 -19.31 -9.66
O2P RUB C . -7.90 -19.74 -10.10
O3P RUB C . -8.92 -17.37 -10.32
O4P RUB C . -5.62 -12.62 -10.70
O5P RUB C . -3.70 -14.42 -11.11
O6P RUB C . -3.32 -12.30 -9.73
MG MG D . -5.80 -16.78 -4.21
C FMT E . -3.32 -18.07 -3.83
O1 FMT E . -3.47 -17.10 -4.69
O2 FMT E . -4.29 -18.40 -3.18
C1 RUB F . 2.00 21.07 3.71
C2 RUB F . 2.26 19.62 3.25
C3 RUB F . 2.00 18.46 4.23
C4 RUB F . 0.69 17.72 3.87
C5 RUB F . -0.31 17.83 5.03
O1 RUB F . 1.15 21.95 4.43
O2 RUB F . 2.68 19.40 2.13
O3 RUB F . 3.08 17.53 4.16
O4 RUB F . 0.11 18.28 2.70
O5 RUB F . -0.23 16.65 5.86
P1 RUB F . 1.47 22.37 5.95
P2 RUB F . -1.55 15.76 6.07
O1P RUB F . 0.15 22.28 6.84
O2P RUB F . 2.03 23.85 5.97
O3P RUB F . 2.57 21.39 6.61
O4P RUB F . -1.33 14.30 5.45
O5P RUB F . -2.80 16.45 5.37
O6P RUB F . -1.85 15.61 7.64
MG MG G . 4.60 18.04 2.71
C FMT H . 5.34 16.44 5.51
O1 FMT H . 5.81 16.93 4.53
O2 FMT H . 4.20 16.61 5.59
#